data_6JJH
# 
_entry.id   6JJH 
# 
_audit_conform.dict_name       mmcif_pdbx.dic 
_audit_conform.dict_version    5.387 
_audit_conform.dict_location   http://mmcif.pdb.org/dictionaries/ascii/mmcif_pdbx.dic 
# 
loop_
_database_2.database_id 
_database_2.database_code 
_database_2.pdbx_database_accession 
_database_2.pdbx_DOI 
PDB   6JJH         pdb_00006jjh 10.2210/pdb6jjh/pdb 
WWPDB D_1300011161 ?            ?                   
# 
loop_
_pdbx_audit_revision_history.ordinal 
_pdbx_audit_revision_history.data_content_type 
_pdbx_audit_revision_history.major_revision 
_pdbx_audit_revision_history.minor_revision 
_pdbx_audit_revision_history.revision_date 
1 'Structure model' 1 0 2020-02-26 
2 'Structure model' 1 1 2020-09-09 
3 'Structure model' 1 2 2020-10-07 
4 'Structure model' 1 3 2024-03-27 
# 
_pdbx_audit_revision_details.ordinal             1 
_pdbx_audit_revision_details.revision_ordinal    1 
_pdbx_audit_revision_details.data_content_type   'Structure model' 
_pdbx_audit_revision_details.provider            repository 
_pdbx_audit_revision_details.type                'Initial release' 
_pdbx_audit_revision_details.description         ? 
_pdbx_audit_revision_details.details             ? 
# 
loop_
_pdbx_audit_revision_group.ordinal 
_pdbx_audit_revision_group.revision_ordinal 
_pdbx_audit_revision_group.data_content_type 
_pdbx_audit_revision_group.group 
1 2 'Structure model' 'Database references'  
2 2 'Structure model' 'Derived calculations' 
3 3 'Structure model' 'Database references'  
4 4 'Structure model' 'Data collection'      
5 4 'Structure model' 'Database references'  
# 
loop_
_pdbx_audit_revision_category.ordinal 
_pdbx_audit_revision_category.revision_ordinal 
_pdbx_audit_revision_category.data_content_type 
_pdbx_audit_revision_category.category 
1 2 'Structure model' citation               
2 2 'Structure model' citation_author        
3 2 'Structure model' pdbx_struct_conn_angle 
4 2 'Structure model' struct_conn            
5 3 'Structure model' citation               
6 4 'Structure model' chem_comp_atom         
7 4 'Structure model' chem_comp_bond         
8 4 'Structure model' database_2             
# 
loop_
_pdbx_audit_revision_item.ordinal 
_pdbx_audit_revision_item.revision_ordinal 
_pdbx_audit_revision_item.data_content_type 
_pdbx_audit_revision_item.item 
1  2 'Structure model' '_citation.country'                          
2  2 'Structure model' '_citation.journal_abbrev'                   
3  2 'Structure model' '_citation.journal_id_ASTM'                  
4  2 'Structure model' '_citation.journal_id_CSD'                   
5  2 'Structure model' '_citation.journal_id_ISSN'                  
6  2 'Structure model' '_citation.pdbx_database_id_DOI'             
7  2 'Structure model' '_citation.pdbx_database_id_PubMed'          
8  2 'Structure model' '_citation.title'                            
9  2 'Structure model' '_citation.year'                             
10 2 'Structure model' '_pdbx_struct_conn_angle.ptnr1_auth_seq_id'  
11 2 'Structure model' '_pdbx_struct_conn_angle.ptnr1_label_seq_id' 
12 2 'Structure model' '_pdbx_struct_conn_angle.ptnr3_auth_seq_id'  
13 2 'Structure model' '_pdbx_struct_conn_angle.ptnr3_label_seq_id' 
14 2 'Structure model' '_pdbx_struct_conn_angle.value'              
15 2 'Structure model' '_struct_conn.pdbx_dist_value'               
16 2 'Structure model' '_struct_conn.ptnr1_auth_seq_id'             
17 2 'Structure model' '_struct_conn.ptnr1_label_seq_id'            
18 2 'Structure model' '_struct_conn.ptnr2_auth_seq_id'             
19 2 'Structure model' '_struct_conn.ptnr2_label_asym_id'           
20 2 'Structure model' '_struct_conn.ptnr2_symmetry'                
21 3 'Structure model' '_citation.journal_volume'                   
22 3 'Structure model' '_citation.page_first'                       
23 3 'Structure model' '_citation.page_last'                        
24 4 'Structure model' '_database_2.pdbx_DOI'                       
25 4 'Structure model' '_database_2.pdbx_database_accession'        
# 
_pdbx_database_status.status_code                     REL 
_pdbx_database_status.status_code_sf                  REL 
_pdbx_database_status.status_code_mr                  ? 
_pdbx_database_status.entry_id                        6JJH 
_pdbx_database_status.recvd_initial_deposition_date   2019-02-25 
_pdbx_database_status.SG_entry                        N 
_pdbx_database_status.deposit_site                    PDBJ 
_pdbx_database_status.process_site                    PDBJ 
_pdbx_database_status.status_code_cs                  ? 
_pdbx_database_status.status_code_nmr_data            ? 
_pdbx_database_status.methods_development_category    ? 
_pdbx_database_status.pdb_format_compatible           Y 
# 
loop_
_audit_author.name 
_audit_author.pdbx_ordinal 
_audit_author.identifier_ORCID 
'Zhang, Y.S.'     1 0000-0002-4948-6449 
'EI Omari, K.'    2 0000-0003-3506-6045 
'Duman, R.'       3 0000-0002-3566-8698 
'Wagner, A.'      4 0000-0001-8995-7324 
'Parkinson, G.N.' 5 0000-0002-1865-9685 
'Wei, D.G.'       6 0000-0001-7776-7320 
# 
_citation.abstract                  ? 
_citation.abstract_id_CAS           ? 
_citation.book_id_ISBN              ? 
_citation.book_publisher            ? 
_citation.book_publisher_city       ? 
_citation.book_title                ? 
_citation.coordinate_linkage        ? 
_citation.country                   UK 
_citation.database_id_Medline       ? 
_citation.details                   ? 
_citation.id                        primary 
_citation.journal_abbrev            'Nucleic Acids Res.' 
_citation.journal_id_ASTM           NARHAD 
_citation.journal_id_CSD            0389 
_citation.journal_id_ISSN           1362-4962 
_citation.journal_full              ? 
_citation.journal_issue             ? 
_citation.journal_volume            48 
_citation.language                  ? 
_citation.page_first                9886 
_citation.page_last                 9898 
_citation.title                     
'Native de novo structural determinations of non-canonical nucleic acid motifs by X-ray crystallography at long wavelengths.' 
_citation.year                      2020 
_citation.database_id_CSD           ? 
_citation.pdbx_database_id_DOI      10.1093/nar/gkaa439 
_citation.pdbx_database_id_PubMed   32453431 
_citation.unpublished_flag          ? 
# 
loop_
_citation_author.citation_id 
_citation_author.name 
_citation_author.ordinal 
_citation_author.identifier_ORCID 
primary 'Zhang, Y.'       1 ? 
primary 'El Omari, K.'    2 ? 
primary 'Duman, R.'       3 ? 
primary 'Liu, S.'         4 ? 
primary 'Haider, S.'      5 ? 
primary 'Wagner, A.'      6 ? 
primary 'Parkinson, G.N.' 7 ? 
primary 'Wei, D.'         8 ? 
# 
loop_
_entity.id 
_entity.type 
_entity.src_method 
_entity.pdbx_description 
_entity.formula_weight 
_entity.pdbx_number_of_molecules 
_entity.pdbx_ec 
_entity.pdbx_mutation 
_entity.pdbx_fragment 
_entity.details 
1 polymer     syn 
;RNA (5'-R(*GP*GP*CP*UP*CP*GP*GP*CP*GP*GP*CP*GP*GP*A)-3')
;
4572.788 1  ? ? ? ? 
2 non-polymer syn '(1Z,4Z,9Z,15Z)-5,10,15,20-tetrakis(1-methylpyridin-1-ium-4-yl)-21,23-dihydroporphyrin' 678.826  2  ? ? ? ? 
3 non-polymer syn 'POTASSIUM ION'                                                                         39.098   3  ? ? ? ? 
4 water       nat water                                                                                   18.015   11 ? ? ? ? 
# 
_entity_poly.entity_id                      1 
_entity_poly.type                           polyribonucleotide 
_entity_poly.nstd_linkage                   no 
_entity_poly.nstd_monomer                   no 
_entity_poly.pdbx_seq_one_letter_code       GGCUCGGCGGCGGA 
_entity_poly.pdbx_seq_one_letter_code_can   GGCUCGGCGGCGGA 
_entity_poly.pdbx_strand_id                 B 
_entity_poly.pdbx_target_identifier         ? 
# 
loop_
_pdbx_entity_nonpoly.entity_id 
_pdbx_entity_nonpoly.name 
_pdbx_entity_nonpoly.comp_id 
2 '(1Z,4Z,9Z,15Z)-5,10,15,20-tetrakis(1-methylpyridin-1-ium-4-yl)-21,23-dihydroporphyrin' POH 
3 'POTASSIUM ION'                                                                         K   
4 water                                                                                   HOH 
# 
loop_
_entity_poly_seq.entity_id 
_entity_poly_seq.num 
_entity_poly_seq.mon_id 
_entity_poly_seq.hetero 
1 1  G n 
1 2  G n 
1 3  C n 
1 4  U n 
1 5  C n 
1 6  G n 
1 7  G n 
1 8  C n 
1 9  G n 
1 10 G n 
1 11 C n 
1 12 G n 
1 13 G n 
1 14 A n 
# 
_pdbx_entity_src_syn.entity_id              1 
_pdbx_entity_src_syn.pdbx_src_id            1 
_pdbx_entity_src_syn.pdbx_alt_source_flag   sample 
_pdbx_entity_src_syn.pdbx_beg_seq_num       1 
_pdbx_entity_src_syn.pdbx_end_seq_num       14 
_pdbx_entity_src_syn.organism_scientific    'Pseudorabies virus Ea' 
_pdbx_entity_src_syn.organism_common_name   ? 
_pdbx_entity_src_syn.ncbi_taxonomy_id       101947 
_pdbx_entity_src_syn.details                ? 
# 
loop_
_chem_comp.id 
_chem_comp.type 
_chem_comp.mon_nstd_flag 
_chem_comp.name 
_chem_comp.pdbx_synonyms 
_chem_comp.formula 
_chem_comp.formula_weight 
A   'RNA linking' y "ADENOSINE-5'-MONOPHOSPHATE"                                                            ?      
'C10 H14 N5 O7 P' 347.221 
C   'RNA linking' y "CYTIDINE-5'-MONOPHOSPHATE"                                                             ?      
'C9 H14 N3 O8 P'  323.197 
G   'RNA linking' y "GUANOSINE-5'-MONOPHOSPHATE"                                                            ?      
'C10 H14 N5 O8 P' 363.221 
HOH non-polymer   . WATER                                                                                   ?      'H2 O' 18.015  
K   non-polymer   . 'POTASSIUM ION'                                                                         ?      'K 1' 39.098  
POH non-polymer   . '(1Z,4Z,9Z,15Z)-5,10,15,20-tetrakis(1-methylpyridin-1-ium-4-yl)-21,23-dihydroporphyrin' TMPyP4 'C44 H38 N8 4' 
678.826 
U   'RNA linking' y "URIDINE-5'-MONOPHOSPHATE"                                                              ?      
'C9 H13 N2 O9 P'  324.181 
# 
loop_
_pdbx_poly_seq_scheme.asym_id 
_pdbx_poly_seq_scheme.entity_id 
_pdbx_poly_seq_scheme.seq_id 
_pdbx_poly_seq_scheme.mon_id 
_pdbx_poly_seq_scheme.ndb_seq_num 
_pdbx_poly_seq_scheme.pdb_seq_num 
_pdbx_poly_seq_scheme.auth_seq_num 
_pdbx_poly_seq_scheme.pdb_mon_id 
_pdbx_poly_seq_scheme.auth_mon_id 
_pdbx_poly_seq_scheme.pdb_strand_id 
_pdbx_poly_seq_scheme.pdb_ins_code 
_pdbx_poly_seq_scheme.hetero 
A 1 1  G 1  1  1  G G B . n 
A 1 2  G 2  2  2  G G B . n 
A 1 3  C 3  3  3  C C B . n 
A 1 4  U 4  4  4  U U B . n 
A 1 5  C 5  5  5  C C B . n 
A 1 6  G 6  6  6  G G B . n 
A 1 7  G 7  7  7  G G B . n 
A 1 8  C 8  8  8  C C B . n 
A 1 9  G 9  9  9  G G B . n 
A 1 10 G 10 10 10 G G B . n 
A 1 11 C 11 11 11 C C B . n 
A 1 12 G 12 12 12 G G B . n 
A 1 13 G 13 13 13 G G B . n 
A 1 14 A 14 14 14 A A B . n 
# 
loop_
_pdbx_nonpoly_scheme.asym_id 
_pdbx_nonpoly_scheme.entity_id 
_pdbx_nonpoly_scheme.mon_id 
_pdbx_nonpoly_scheme.ndb_seq_num 
_pdbx_nonpoly_scheme.pdb_seq_num 
_pdbx_nonpoly_scheme.auth_seq_num 
_pdbx_nonpoly_scheme.pdb_mon_id 
_pdbx_nonpoly_scheme.auth_mon_id 
_pdbx_nonpoly_scheme.pdb_strand_id 
_pdbx_nonpoly_scheme.pdb_ins_code 
B 2 POH 1  101 101 POH POH B . 
C 2 POH 1  102 102 POH POH B . 
D 3 K   1  103 1   K   K   B . 
E 3 K   1  104 2   K   K   B . 
F 3 K   1  105 3   K   K   B . 
G 4 HOH 1  201 8   HOH HOH B . 
G 4 HOH 2  202 11  HOH HOH B . 
G 4 HOH 3  203 3   HOH HOH B . 
G 4 HOH 4  204 6   HOH HOH B . 
G 4 HOH 5  205 7   HOH HOH B . 
G 4 HOH 6  206 5   HOH HOH B . 
G 4 HOH 7  207 4   HOH HOH B . 
G 4 HOH 8  208 2   HOH HOH B . 
G 4 HOH 9  209 1   HOH HOH B . 
G 4 HOH 10 210 9   HOH HOH B . 
G 4 HOH 11 211 10  HOH HOH B . 
# 
loop_
_software.citation_id 
_software.classification 
_software.compiler_name 
_software.compiler_version 
_software.contact_author 
_software.contact_author_email 
_software.date 
_software.description 
_software.dependencies 
_software.hardware 
_software.language 
_software.location 
_software.mods 
_software.name 
_software.os 
_software.os_version 
_software.type 
_software.version 
_software.pdbx_ordinal 
? refinement        ? ? ? ? ? ? ? ? ? ? ? REFMAC      ? ? ? 5.8.0238 1 
? 'data extraction' ? ? ? ? ? ? ? ? ? ? ? PDB_EXTRACT ? ? ? 3.24     2 
? 'data reduction'  ? ? ? ? ? ? ? ? ? ? ? XDS         ? ? ? .        3 
? 'data scaling'    ? ? ? ? ? ? ? ? ? ? ? XSCALE      ? ? ? .        4 
? 'data scaling'    ? ? ? ? ? ? ? ? ? ? ? Aimless     ? ? ? .        5 
? phasing           ? ? ? ? ? ? ? ? ? ? ? HKL2Map     ? ? ? .        6 
# 
_cell.angle_alpha                  90.000 
_cell.angle_alpha_esd              ? 
_cell.angle_beta                   107.590 
_cell.angle_beta_esd               ? 
_cell.angle_gamma                  90.000 
_cell.angle_gamma_esd              ? 
_cell.entry_id                     6JJH 
_cell.details                      ? 
_cell.formula_units_Z              ? 
_cell.length_a                     29.856 
_cell.length_a_esd                 ? 
_cell.length_b                     23.647 
_cell.length_b_esd                 ? 
_cell.length_c                     31.052 
_cell.length_c_esd                 ? 
_cell.volume                       ? 
_cell.volume_esd                   ? 
_cell.Z_PDB                        2 
_cell.reciprocal_angle_alpha       ? 
_cell.reciprocal_angle_beta        ? 
_cell.reciprocal_angle_gamma       ? 
_cell.reciprocal_angle_alpha_esd   ? 
_cell.reciprocal_angle_beta_esd    ? 
_cell.reciprocal_angle_gamma_esd   ? 
_cell.reciprocal_length_a          ? 
_cell.reciprocal_length_b          ? 
_cell.reciprocal_length_c          ? 
_cell.reciprocal_length_a_esd      ? 
_cell.reciprocal_length_b_esd      ? 
_cell.reciprocal_length_c_esd      ? 
_cell.pdbx_unique_axis             ? 
# 
_symmetry.entry_id                         6JJH 
_symmetry.cell_setting                     ? 
_symmetry.Int_Tables_number                3 
_symmetry.space_group_name_Hall            ? 
_symmetry.space_group_name_H-M             'P 1 2 1' 
_symmetry.pdbx_full_space_group_name_H-M   ? 
# 
_exptl.absorpt_coefficient_mu     ? 
_exptl.absorpt_correction_T_max   ? 
_exptl.absorpt_correction_T_min   ? 
_exptl.absorpt_correction_type    ? 
_exptl.absorpt_process_details    ? 
_exptl.entry_id                   6JJH 
_exptl.crystals_number            1 
_exptl.details                    ? 
_exptl.method                     'X-RAY DIFFRACTION' 
_exptl.method_details             ? 
# 
_exptl_crystal.colour                      ? 
_exptl_crystal.density_diffrn              ? 
_exptl_crystal.density_Matthews            2.29 
_exptl_crystal.density_method              ? 
_exptl_crystal.density_percent_sol         46.17 
_exptl_crystal.description                 'rod like crystals' 
_exptl_crystal.F_000                       ? 
_exptl_crystal.id                          1 
_exptl_crystal.preparation                 ? 
_exptl_crystal.size_max                    ? 
_exptl_crystal.size_mid                    ? 
_exptl_crystal.size_min                    ? 
_exptl_crystal.size_rad                    ? 
_exptl_crystal.colour_lustre               ? 
_exptl_crystal.colour_modifier             ? 
_exptl_crystal.colour_primary              ? 
_exptl_crystal.density_meas                ? 
_exptl_crystal.density_meas_esd            ? 
_exptl_crystal.density_meas_gt             ? 
_exptl_crystal.density_meas_lt             ? 
_exptl_crystal.density_meas_temp           ? 
_exptl_crystal.density_meas_temp_esd       ? 
_exptl_crystal.density_meas_temp_gt        ? 
_exptl_crystal.density_meas_temp_lt        ? 
_exptl_crystal.pdbx_crystal_image_url      ? 
_exptl_crystal.pdbx_crystal_image_format   ? 
_exptl_crystal.pdbx_mosaicity              ? 
_exptl_crystal.pdbx_mosaicity_esd          ? 
# 
_exptl_crystal_grow.apparatus       ? 
_exptl_crystal_grow.atmosphere      ? 
_exptl_crystal_grow.crystal_id      1 
_exptl_crystal_grow.details         ? 
_exptl_crystal_grow.method          'VAPOR DIFFUSION, HANGING DROP' 
_exptl_crystal_grow.method_ref      ? 
_exptl_crystal_grow.pH              6.5 
_exptl_crystal_grow.pressure        ? 
_exptl_crystal_grow.pressure_esd    ? 
_exptl_crystal_grow.seeding         ? 
_exptl_crystal_grow.seeding_ref     ? 
_exptl_crystal_grow.temp            283 
_exptl_crystal_grow.temp_details    ? 
_exptl_crystal_grow.temp_esd        ? 
_exptl_crystal_grow.time            ? 
_exptl_crystal_grow.pdbx_details    'Potassium cacodylate, Potassium chloride, Sodium cacodylate, MPD' 
_exptl_crystal_grow.pdbx_pH_range   ? 
# 
loop_
_diffrn.ambient_environment 
_diffrn.ambient_temp 
_diffrn.ambient_temp_details 
_diffrn.ambient_temp_esd 
_diffrn.crystal_id 
_diffrn.crystal_support 
_diffrn.crystal_treatment 
_diffrn.details 
_diffrn.id 
_diffrn.ambient_pressure 
_diffrn.ambient_pressure_esd 
_diffrn.ambient_pressure_gt 
_diffrn.ambient_pressure_lt 
_diffrn.ambient_temp_gt 
_diffrn.ambient_temp_lt 
_diffrn.pdbx_serial_crystal_experiment 
? 100 ? ? 1 ? ? ? 1 ? ? ? ? ? ? N 
? 100 ? ? 1 ? ? ? 2 ? ? ? ? ? ? N 
# 
loop_
_diffrn_detector.details 
_diffrn_detector.detector 
_diffrn_detector.diffrn_id 
_diffrn_detector.type 
_diffrn_detector.area_resol_mean 
_diffrn_detector.dtime 
_diffrn_detector.pdbx_frames_total 
_diffrn_detector.pdbx_collection_time_total 
_diffrn_detector.pdbx_collection_date 
_diffrn_detector.pdbx_frequency 
? PIXEL 1 'DECTRIS PILATUS 12M' ? ? ? ? 2018-06-27 ? 
? PIXEL 2 'DECTRIS PILATUS 12M' ? ? ? ? 2018-06-27 ? 
# 
loop_
_diffrn_radiation.collimation 
_diffrn_radiation.diffrn_id 
_diffrn_radiation.filter_edge 
_diffrn_radiation.inhomogeneity 
_diffrn_radiation.monochromator 
_diffrn_radiation.polarisn_norm 
_diffrn_radiation.polarisn_ratio 
_diffrn_radiation.probe 
_diffrn_radiation.type 
_diffrn_radiation.xray_symbol 
_diffrn_radiation.wavelength_id 
_diffrn_radiation.pdbx_monochromatic_or_laue_m_l 
_diffrn_radiation.pdbx_wavelength_list 
_diffrn_radiation.pdbx_wavelength 
_diffrn_radiation.pdbx_diffrn_protocol 
_diffrn_radiation.pdbx_analyzer 
_diffrn_radiation.pdbx_scattering_type 
? 1 ? ? ? ? ? ? ? ? 1 M ? ? 'SINGLE WAVELENGTH' ? x-ray 
? 2 ? ? ? ? ? ? ? ? 2 M ? ? 'SINGLE WAVELENGTH' ? x-ray 
# 
loop_
_diffrn_radiation_wavelength.id 
_diffrn_radiation_wavelength.wavelength 
_diffrn_radiation_wavelength.wt 
1 1.7712 1.0 
2 3.3509 1.0 
# 
loop_
_diffrn_source.current 
_diffrn_source.details 
_diffrn_source.diffrn_id 
_diffrn_source.power 
_diffrn_source.size 
_diffrn_source.source 
_diffrn_source.target 
_diffrn_source.type 
_diffrn_source.voltage 
_diffrn_source.take-off_angle 
_diffrn_source.pdbx_wavelength_list 
_diffrn_source.pdbx_wavelength 
_diffrn_source.pdbx_synchrotron_beamline 
_diffrn_source.pdbx_synchrotron_site 
? ? 1 ? ? SYNCHROTRON ? 'DIAMOND BEAMLINE I23' ? ? 1.7712 ? I23 Diamond 
? ? 2 ? ? SYNCHROTRON ? 'DIAMOND BEAMLINE I23' ? ? 3.3509 ? I23 Diamond 
# 
loop_
_reflns.B_iso_Wilson_estimate 
_reflns.entry_id 
_reflns.data_reduction_details 
_reflns.data_reduction_method 
_reflns.d_resolution_high 
_reflns.d_resolution_low 
_reflns.details 
_reflns.limit_h_max 
_reflns.limit_h_min 
_reflns.limit_k_max 
_reflns.limit_k_min 
_reflns.limit_l_max 
_reflns.limit_l_min 
_reflns.number_all 
_reflns.number_obs 
_reflns.observed_criterion 
_reflns.observed_criterion_F_max 
_reflns.observed_criterion_F_min 
_reflns.observed_criterion_I_max 
_reflns.observed_criterion_I_min 
_reflns.observed_criterion_sigma_F 
_reflns.observed_criterion_sigma_I 
_reflns.percent_possible_obs 
_reflns.R_free_details 
_reflns.Rmerge_F_all 
_reflns.Rmerge_F_obs 
_reflns.Friedel_coverage 
_reflns.number_gt 
_reflns.threshold_expression 
_reflns.pdbx_redundancy 
_reflns.pdbx_Rmerge_I_obs 
_reflns.pdbx_Rmerge_I_all 
_reflns.pdbx_Rsym_value 
_reflns.pdbx_netI_over_av_sigmaI 
_reflns.pdbx_netI_over_sigmaI 
_reflns.pdbx_res_netI_over_av_sigmaI_2 
_reflns.pdbx_res_netI_over_sigmaI_2 
_reflns.pdbx_chi_squared 
_reflns.pdbx_scaling_rejects 
_reflns.pdbx_d_res_high_opt 
_reflns.pdbx_d_res_low_opt 
_reflns.pdbx_d_res_opt_method 
_reflns.phase_calculation_details 
_reflns.pdbx_Rrim_I_all 
_reflns.pdbx_Rpim_I_all 
_reflns.pdbx_d_opt 
_reflns.pdbx_number_measured_all 
_reflns.pdbx_diffrn_id 
_reflns.pdbx_ordinal 
_reflns.pdbx_CC_half 
_reflns.pdbx_CC_star 
_reflns.pdbx_R_split 
? 6JJH ? ? 1.74 29.600 ? ? ? ? ? ? ? ? 4377 ? ? ? ? ? ? ? 99.5 ? ? ? ? ? ? 6.24 0.021 ? ? ? 15.6 ? ? ? ? ? ? ? ? ? ? ? ? 1 1 1     
? ? 
? 6JJH ? ? 2.19 29.6   ? ? ? ? ? ? ? ? 2065 ? ? ? ? ? ? ? 92.1 ? ? ? ? ? ? 7.8  0.116 ? ? ? 13.9 ? ? ? ? ? ? ? ? ? ? ? ? 2 2 0.986 
? ? 
# 
loop_
_reflns_shell.d_res_high 
_reflns_shell.d_res_low 
_reflns_shell.meanI_over_sigI_all 
_reflns_shell.meanI_over_sigI_obs 
_reflns_shell.number_measured_all 
_reflns_shell.number_measured_obs 
_reflns_shell.number_possible 
_reflns_shell.number_unique_all 
_reflns_shell.number_unique_obs 
_reflns_shell.percent_possible_all 
_reflns_shell.percent_possible_obs 
_reflns_shell.Rmerge_F_all 
_reflns_shell.Rmerge_F_obs 
_reflns_shell.Rmerge_I_all 
_reflns_shell.Rmerge_I_obs 
_reflns_shell.meanI_over_sigI_gt 
_reflns_shell.meanI_over_uI_all 
_reflns_shell.meanI_over_uI_gt 
_reflns_shell.number_measured_gt 
_reflns_shell.number_unique_gt 
_reflns_shell.percent_possible_gt 
_reflns_shell.Rmerge_F_gt 
_reflns_shell.Rmerge_I_gt 
_reflns_shell.pdbx_redundancy 
_reflns_shell.pdbx_Rsym_value 
_reflns_shell.pdbx_chi_squared 
_reflns_shell.pdbx_netI_over_sigmaI_all 
_reflns_shell.pdbx_netI_over_sigmaI_obs 
_reflns_shell.pdbx_Rrim_I_all 
_reflns_shell.pdbx_Rpim_I_all 
_reflns_shell.pdbx_rejects 
_reflns_shell.pdbx_ordinal 
_reflns_shell.pdbx_diffrn_id 
_reflns_shell.pdbx_CC_half 
_reflns_shell.pdbx_CC_star 
_reflns_shell.pdbx_R_split 
1.74 1.80 ? 1.76 ? ? ? ? 431 98.6 ? ? ? ? 0.34  ? ? ? ? ? ? ? ? ? ? ? ? ? ? ? ? 1 1 0.842 ? ? 
2.19 2.31 ? 3.8  ? ? ? ? 254 ?    ? ? ? ? 0.338 ? ? ? ? ? ? ? ? ? ? ? ? ? ? ? ? 2 2 0.915 ? ? 
# 
_refine.aniso_B[1][1]                            -1.4700 
_refine.aniso_B[1][2]                            0.0000 
_refine.aniso_B[1][3]                            0.3800 
_refine.aniso_B[2][2]                            -1.4700 
_refine.aniso_B[2][3]                            -0.0000 
_refine.aniso_B[3][3]                            2.2400 
_refine.B_iso_max                                105.630 
_refine.B_iso_mean                               42.4810 
_refine.B_iso_min                                21.040 
_refine.correlation_coeff_Fo_to_Fc               0.9610 
_refine.correlation_coeff_Fo_to_Fc_free          0.9110 
_refine.details                                  
;HYDROGENS HAVE BEEN ADDED IN THE RIDING POSITIONS U VALUES      : REFINED INDIVIDUALLY

SF FILE CONTAINS FRIEDEL PAIRS UNDER I/F_MINUS AND I/F_PLUS COLUMNS.
;
_refine.diff_density_max                         ? 
_refine.diff_density_max_esd                     ? 
_refine.diff_density_min                         ? 
_refine.diff_density_min_esd                     ? 
_refine.diff_density_rms                         ? 
_refine.diff_density_rms_esd                     ? 
_refine.entry_id                                 6JJH 
_refine.pdbx_refine_id                           'X-RAY DIFFRACTION' 
_refine.ls_abs_structure_details                 ? 
_refine.ls_abs_structure_Flack                   ? 
_refine.ls_abs_structure_Flack_esd               ? 
_refine.ls_abs_structure_Rogers                  ? 
_refine.ls_abs_structure_Rogers_esd              ? 
_refine.ls_d_res_high                            1.7400 
_refine.ls_d_res_low                             29.6000 
_refine.ls_extinction_coef                       ? 
_refine.ls_extinction_coef_esd                   ? 
_refine.ls_extinction_expression                 ? 
_refine.ls_extinction_method                     ? 
_refine.ls_goodness_of_fit_all                   ? 
_refine.ls_goodness_of_fit_all_esd               ? 
_refine.ls_goodness_of_fit_obs                   ? 
_refine.ls_goodness_of_fit_obs_esd               ? 
_refine.ls_hydrogen_treatment                    ? 
_refine.ls_matrix_type                           ? 
_refine.ls_number_constraints                    ? 
_refine.ls_number_parameters                     ? 
_refine.ls_number_reflns_all                     ? 
_refine.ls_number_reflns_obs                     4142 
_refine.ls_number_reflns_R_free                  236 
_refine.ls_number_reflns_R_work                  ? 
_refine.ls_number_restraints                     ? 
_refine.ls_percent_reflns_obs                    99.7000 
_refine.ls_percent_reflns_R_free                 5.4000 
_refine.ls_R_factor_all                          ? 
_refine.ls_R_factor_obs                          0.2418 
_refine.ls_R_factor_R_free                       0.2914 
_refine.ls_R_factor_R_free_error                 ? 
_refine.ls_R_factor_R_free_error_details         ? 
_refine.ls_R_factor_R_work                       0.2393 
_refine.ls_R_Fsqd_factor_obs                     ? 
_refine.ls_R_I_factor_obs                        ? 
_refine.ls_redundancy_reflns_all                 ? 
_refine.ls_redundancy_reflns_obs                 ? 
_refine.ls_restrained_S_all                      ? 
_refine.ls_restrained_S_obs                      ? 
_refine.ls_shift_over_esd_max                    ? 
_refine.ls_shift_over_esd_mean                   ? 
_refine.ls_structure_factor_coef                 ? 
_refine.ls_weighting_details                     ? 
_refine.ls_weighting_scheme                      ? 
_refine.ls_wR_factor_all                         ? 
_refine.ls_wR_factor_obs                         ? 
_refine.ls_wR_factor_R_free                      ? 
_refine.ls_wR_factor_R_work                      ? 
_refine.occupancy_max                            ? 
_refine.occupancy_min                            ? 
_refine.solvent_model_details                    MASK 
_refine.solvent_model_param_bsol                 ? 
_refine.solvent_model_param_ksol                 ? 
_refine.pdbx_R_complete                          ? 
_refine.ls_R_factor_gt                           ? 
_refine.ls_goodness_of_fit_gt                    ? 
_refine.ls_goodness_of_fit_ref                   ? 
_refine.ls_shift_over_su_max                     ? 
_refine.ls_shift_over_su_max_lt                  ? 
_refine.ls_shift_over_su_mean                    ? 
_refine.ls_shift_over_su_mean_lt                 ? 
_refine.pdbx_ls_sigma_I                          ? 
_refine.pdbx_ls_sigma_F                          0.000 
_refine.pdbx_ls_sigma_Fsqd                       ? 
_refine.pdbx_data_cutoff_high_absF               ? 
_refine.pdbx_data_cutoff_high_rms_absF           ? 
_refine.pdbx_data_cutoff_low_absF                ? 
_refine.pdbx_isotropic_thermal_model             ? 
_refine.pdbx_ls_cross_valid_method               THROUGHOUT 
_refine.pdbx_method_to_determine_struct          SAD 
_refine.pdbx_starting_model                      ? 
_refine.pdbx_stereochemistry_target_values       'MAXIMUM LIKELIHOOD' 
_refine.pdbx_R_Free_selection_details            RANDOM 
_refine.pdbx_stereochem_target_val_spec_case     ? 
_refine.pdbx_overall_ESU_R                       0.1760 
_refine.pdbx_overall_ESU_R_Free                  0.1650 
_refine.pdbx_solvent_vdw_probe_radii             1.2000 
_refine.pdbx_solvent_ion_probe_radii             0.8000 
_refine.pdbx_solvent_shrinkage_radii             0.8000 
_refine.pdbx_real_space_R                        ? 
_refine.pdbx_density_correlation                 ? 
_refine.pdbx_pd_number_of_powder_patterns        ? 
_refine.pdbx_pd_number_of_points                 ? 
_refine.pdbx_pd_meas_number_of_points            ? 
_refine.pdbx_pd_proc_ls_prof_R_factor            ? 
_refine.pdbx_pd_proc_ls_prof_wR_factor           ? 
_refine.pdbx_pd_Marquardt_correlation_coeff      ? 
_refine.pdbx_pd_Fsqrd_R_factor                   ? 
_refine.pdbx_pd_ls_matrix_band_width             ? 
_refine.pdbx_overall_phase_error                 ? 
_refine.pdbx_overall_SU_R_free_Cruickshank_DPI   ? 
_refine.pdbx_overall_SU_R_free_Blow_DPI          ? 
_refine.pdbx_overall_SU_R_Blow_DPI               ? 
_refine.pdbx_TLS_residual_ADP_flag               ? 
_refine.pdbx_diffrn_id                           1 
_refine.overall_SU_B                             4.6610 
_refine.overall_SU_ML                            0.1370 
_refine.overall_SU_R_Cruickshank_DPI             ? 
_refine.overall_SU_R_free                        ? 
_refine.overall_FOM_free_R_set                   ? 
_refine.overall_FOM_work_R_set                   ? 
_refine.pdbx_average_fsc_overall                 ? 
_refine.pdbx_average_fsc_work                    ? 
_refine.pdbx_average_fsc_free                    ? 
# 
_refine_hist.pdbx_refine_id                   'X-RAY DIFFRACTION' 
_refine_hist.cycle_id                         final 
_refine_hist.details                          ? 
_refine_hist.d_res_high                       1.7400 
_refine_hist.d_res_low                        29.6000 
_refine_hist.number_atoms_solvent             11 
_refine_hist.number_atoms_total               421 
_refine_hist.number_reflns_all                ? 
_refine_hist.number_reflns_obs                ? 
_refine_hist.number_reflns_R_free             ? 
_refine_hist.number_reflns_R_work             ? 
_refine_hist.R_factor_all                     ? 
_refine_hist.R_factor_obs                     ? 
_refine_hist.R_factor_R_free                  ? 
_refine_hist.R_factor_R_work                  ? 
_refine_hist.pdbx_number_residues_total       14 
_refine_hist.pdbx_B_iso_mean_ligand           44.30 
_refine_hist.pdbx_B_iso_mean_solvent          41.21 
_refine_hist.pdbx_number_atoms_protein        0 
_refine_hist.pdbx_number_atoms_nucleic_acid   303 
_refine_hist.pdbx_number_atoms_ligand         107 
_refine_hist.pdbx_number_atoms_lipid          ? 
_refine_hist.pdbx_number_atoms_carb           ? 
_refine_hist.pdbx_pseudo_atom_details         ? 
# 
loop_
_refine_ls_restr.pdbx_refine_id 
_refine_ls_restr.criterion 
_refine_ls_restr.dev_ideal 
_refine_ls_restr.dev_ideal_target 
_refine_ls_restr.number 
_refine_ls_restr.rejects 
_refine_ls_restr.type 
_refine_ls_restr.weight 
_refine_ls_restr.pdbx_restraint_function 
'X-RAY DIFFRACTION' ? 0.007 0.013 459 ? r_bond_refined_d     ? ? 
'X-RAY DIFFRACTION' ? 0.002 0.019 216 ? r_bond_other_d       ? ? 
'X-RAY DIFFRACTION' ? 1.403 1.335 705 ? r_angle_refined_deg  ? ? 
'X-RAY DIFFRACTION' ? 1.379 2.547 488 ? r_angle_other_deg    ? ? 
'X-RAY DIFFRACTION' ? 0.105 0.200 56  ? r_chiral_restr       ? ? 
'X-RAY DIFFRACTION' ? 0.012 0.020 454 ? r_gen_planes_refined ? ? 
'X-RAY DIFFRACTION' ? 0.002 0.020 133 ? r_gen_planes_other   ? ? 
# 
_refine_ls_shell.pdbx_refine_id                   'X-RAY DIFFRACTION' 
_refine_ls_shell.d_res_high                       1.7400 
_refine_ls_shell.d_res_low                        1.7850 
_refine_ls_shell.number_reflns_all                306 
_refine_ls_shell.number_reflns_obs                ? 
_refine_ls_shell.number_reflns_R_free             16 
_refine_ls_shell.number_reflns_R_work             290 
_refine_ls_shell.percent_reflns_obs               97.7600 
_refine_ls_shell.percent_reflns_R_free            ? 
_refine_ls_shell.R_factor_all                     ? 
_refine_ls_shell.R_factor_obs                     ? 
_refine_ls_shell.R_factor_R_free                  0.3120 
_refine_ls_shell.R_factor_R_free_error            0.0000 
_refine_ls_shell.R_factor_R_work                  0.3650 
_refine_ls_shell.redundancy_reflns_all            ? 
_refine_ls_shell.redundancy_reflns_obs            ? 
_refine_ls_shell.wR_factor_all                    ? 
_refine_ls_shell.wR_factor_obs                    ? 
_refine_ls_shell.wR_factor_R_free                 ? 
_refine_ls_shell.wR_factor_R_work                 ? 
_refine_ls_shell.pdbx_R_complete                  ? 
_refine_ls_shell.pdbx_total_number_of_bins_used   20 
_refine_ls_shell.pdbx_phase_error                 ? 
_refine_ls_shell.pdbx_fsc_work                    ? 
_refine_ls_shell.pdbx_fsc_free                    ? 
# 
_struct.entry_id                     6JJH 
_struct.title                        
'Crystal structure of a two-quartet RNA parallel G-quadruplex complexed with the porphyrin TMPyP4' 
_struct.pdbx_model_details           ? 
_struct.pdbx_formula_weight          ? 
_struct.pdbx_formula_weight_method   ? 
_struct.pdbx_model_type_details      ? 
_struct.pdbx_CASP_flag               N 
# 
_struct_keywords.entry_id        6JJH 
_struct_keywords.text            'G-quadruplex, two-quartet, complex, RNA' 
_struct_keywords.pdbx_keywords   RNA 
# 
loop_
_struct_asym.id 
_struct_asym.pdbx_blank_PDB_chainid_flag 
_struct_asym.pdbx_modified 
_struct_asym.entity_id 
_struct_asym.details 
A N N 1 ? 
B N N 2 ? 
C N N 2 ? 
D N N 3 ? 
E N N 3 ? 
F N N 3 ? 
G N N 4 ? 
# 
_struct_ref.id                         1 
_struct_ref.db_name                    PDB 
_struct_ref.db_code                    6JJH 
_struct_ref.pdbx_db_accession          6JJH 
_struct_ref.pdbx_db_isoform            ? 
_struct_ref.entity_id                  1 
_struct_ref.pdbx_seq_one_letter_code   ? 
_struct_ref.pdbx_align_begin           1 
# 
_struct_ref_seq.align_id                      1 
_struct_ref_seq.ref_id                        1 
_struct_ref_seq.pdbx_PDB_id_code              6JJH 
_struct_ref_seq.pdbx_strand_id                B 
_struct_ref_seq.seq_align_beg                 1 
_struct_ref_seq.pdbx_seq_align_beg_ins_code   ? 
_struct_ref_seq.seq_align_end                 14 
_struct_ref_seq.pdbx_seq_align_end_ins_code   ? 
_struct_ref_seq.pdbx_db_accession             6JJH 
_struct_ref_seq.db_align_beg                  1 
_struct_ref_seq.pdbx_db_align_beg_ins_code    ? 
_struct_ref_seq.db_align_end                  14 
_struct_ref_seq.pdbx_db_align_end_ins_code    ? 
_struct_ref_seq.pdbx_auth_seq_align_beg       1 
_struct_ref_seq.pdbx_auth_seq_align_end       14 
# 
_pdbx_struct_assembly.id                   1 
_pdbx_struct_assembly.details              author_and_software_defined_assembly 
_pdbx_struct_assembly.method_details       PISA 
_pdbx_struct_assembly.oligomeric_details   dimeric 
_pdbx_struct_assembly.oligomeric_count     2 
# 
loop_
_pdbx_struct_assembly_prop.biol_id 
_pdbx_struct_assembly_prop.type 
_pdbx_struct_assembly_prop.value 
_pdbx_struct_assembly_prop.details 
1 'ABSA (A^2)' 5530 ? 
1 MORE         -42  ? 
1 'SSA (A^2)'  3690 ? 
# 
_pdbx_struct_assembly_gen.assembly_id       1 
_pdbx_struct_assembly_gen.oper_expression   1,2 
_pdbx_struct_assembly_gen.asym_id_list      A,B,C,D,E,F,G 
# 
_pdbx_struct_assembly_auth_evidence.id                     1 
_pdbx_struct_assembly_auth_evidence.assembly_id            1 
_pdbx_struct_assembly_auth_evidence.experimental_support   'native gel electrophoresis' 
_pdbx_struct_assembly_auth_evidence.details                dimer 
# 
loop_
_pdbx_struct_oper_list.id 
_pdbx_struct_oper_list.type 
_pdbx_struct_oper_list.name 
_pdbx_struct_oper_list.symmetry_operation 
_pdbx_struct_oper_list.matrix[1][1] 
_pdbx_struct_oper_list.matrix[1][2] 
_pdbx_struct_oper_list.matrix[1][3] 
_pdbx_struct_oper_list.vector[1] 
_pdbx_struct_oper_list.matrix[2][1] 
_pdbx_struct_oper_list.matrix[2][2] 
_pdbx_struct_oper_list.matrix[2][3] 
_pdbx_struct_oper_list.vector[2] 
_pdbx_struct_oper_list.matrix[3][1] 
_pdbx_struct_oper_list.matrix[3][2] 
_pdbx_struct_oper_list.matrix[3][3] 
_pdbx_struct_oper_list.vector[3] 
1 'identity operation'         1_555 x,y,z     1.0000000000  0.0000000000 0.0000000000 0.0000000000  0.0000000000 1.0000000000 0.0000000000 0.0000000000 0.0000000000 0.0000000000 1.0000000000  0.0000000000  
2 'crystal symmetry operation' 2_455 -x-1,y,-z -0.7535659697 0.6459654731 0.1219300493 -9.8760431096 0.6459654731 0.6932377070 0.3196092758 5.3160048657 0.1219300493 0.3196092758 -0.9396717373 -8.2027563929 
# 
loop_
_struct_conn.id 
_struct_conn.conn_type_id 
_struct_conn.pdbx_leaving_atom_flag 
_struct_conn.pdbx_PDB_id 
_struct_conn.ptnr1_label_asym_id 
_struct_conn.ptnr1_label_comp_id 
_struct_conn.ptnr1_label_seq_id 
_struct_conn.ptnr1_label_atom_id 
_struct_conn.pdbx_ptnr1_label_alt_id 
_struct_conn.pdbx_ptnr1_PDB_ins_code 
_struct_conn.pdbx_ptnr1_standard_comp_id 
_struct_conn.ptnr1_symmetry 
_struct_conn.ptnr2_label_asym_id 
_struct_conn.ptnr2_label_comp_id 
_struct_conn.ptnr2_label_seq_id 
_struct_conn.ptnr2_label_atom_id 
_struct_conn.pdbx_ptnr2_label_alt_id 
_struct_conn.pdbx_ptnr2_PDB_ins_code 
_struct_conn.ptnr1_auth_asym_id 
_struct_conn.ptnr1_auth_comp_id 
_struct_conn.ptnr1_auth_seq_id 
_struct_conn.ptnr2_auth_asym_id 
_struct_conn.ptnr2_auth_comp_id 
_struct_conn.ptnr2_auth_seq_id 
_struct_conn.ptnr2_symmetry 
_struct_conn.pdbx_ptnr3_label_atom_id 
_struct_conn.pdbx_ptnr3_label_seq_id 
_struct_conn.pdbx_ptnr3_label_comp_id 
_struct_conn.pdbx_ptnr3_label_asym_id 
_struct_conn.pdbx_ptnr3_label_alt_id 
_struct_conn.pdbx_ptnr3_PDB_ins_code 
_struct_conn.details 
_struct_conn.pdbx_dist_value 
_struct_conn.pdbx_value_order 
_struct_conn.pdbx_role 
metalc1  metalc ? ? A G 1  O6 ? ? ? 1_555 F K .  K  ? ? B G 1  B K 105 1_555 ? ? ? ? ? ? ?           2.658 ? ? 
metalc2  metalc ? ? A G 1  O6 ? ? ? 1_555 F K .  K  ? ? B G 1  B K 105 2_455 ? ? ? ? ? ? ?           2.658 ? ? 
metalc3  metalc ? ? A G 2  O6 ? ? ? 1_555 E K .  K  ? ? B G 2  B K 104 1_555 ? ? ? ? ? ? ?           2.725 ? ? 
metalc4  metalc ? ? A G 2  O6 ? ? ? 1_555 E K .  K  ? ? B G 2  B K 104 2_455 ? ? ? ? ? ? ?           2.725 ? ? 
metalc5  metalc ? ? A G 2  O6 ? ? ? 1_555 F K .  K  ? ? B G 2  B K 105 1_555 ? ? ? ? ? ? ?           2.953 ? ? 
metalc6  metalc ? ? A G 2  O6 ? ? ? 1_555 F K .  K  ? ? B G 2  B K 105 2_455 ? ? ? ? ? ? ?           2.953 ? ? 
metalc7  metalc ? ? A G 6  O6 ? ? ? 1_555 F K .  K  ? ? B G 6  B K 105 1_555 ? ? ? ? ? ? ?           2.645 ? ? 
metalc8  metalc ? ? A G 6  O6 ? ? ? 1_555 F K .  K  ? ? B G 6  B K 105 2_455 ? ? ? ? ? ? ?           2.645 ? ? 
metalc9  metalc ? ? A G 7  O6 ? ? ? 1_555 E K .  K  ? ? B G 7  B K 104 1_555 ? ? ? ? ? ? ?           2.720 ? ? 
metalc10 metalc ? ? A G 7  O6 ? ? ? 1_555 E K .  K  ? ? B G 7  B K 104 2_455 ? ? ? ? ? ? ?           2.720 ? ? 
metalc11 metalc ? ? A G 7  O6 ? ? ? 1_555 F K .  K  ? ? B G 7  B K 105 1_555 ? ? ? ? ? ? ?           2.888 ? ? 
metalc12 metalc ? ? A G 7  O6 ? ? ? 1_555 F K .  K  ? ? B G 7  B K 105 2_455 ? ? ? ? ? ? ?           2.888 ? ? 
metalc13 metalc ? ? A G 9  O6 ? ? ? 1_555 D K .  K  ? ? B G 9  B K 103 1_555 ? ? ? ? ? ? ?           2.860 ? ? 
metalc14 metalc ? ? A G 9  O6 ? ? ? 1_555 D K .  K  ? ? B G 9  B K 103 2_455 ? ? ? ? ? ? ?           2.879 ? ? 
metalc15 metalc ? ? A G 9  O6 ? ? ? 1_555 E K .  K  ? ? B G 9  B K 104 1_555 ? ? ? ? ? ? ?           2.740 ? ? 
metalc16 metalc ? ? A G 9  O6 ? ? ? 1_555 E K .  K  ? ? B G 9  B K 104 2_455 ? ? ? ? ? ? ?           2.740 ? ? 
metalc17 metalc ? ? A G 10 O6 ? ? ? 1_555 D K .  K  ? ? B G 10 B K 103 1_555 ? ? ? ? ? ? ?           2.464 ? ? 
metalc18 metalc ? ? A G 10 O6 ? ? ? 1_555 D K .  K  ? ? B G 10 B K 103 2_455 ? ? ? ? ? ? ?           2.764 ? ? 
metalc19 metalc ? ? A G 12 O6 ? ? ? 1_555 D K .  K  ? ? B G 12 B K 103 1_555 ? ? ? ? ? ? ?           2.654 ? ? 
metalc20 metalc ? ? A G 12 O6 ? ? ? 1_555 D K .  K  ? ? B G 12 B K 103 2_455 ? ? ? ? ? ? ?           3.177 ? ? 
metalc21 metalc ? ? A G 12 O6 ? ? ? 1_555 E K .  K  ? ? B G 12 B K 104 1_555 ? ? ? ? ? ? ?           2.844 ? ? 
metalc22 metalc ? ? A G 12 O6 ? ? ? 1_555 E K .  K  ? ? B G 12 B K 104 2_455 ? ? ? ? ? ? ?           2.844 ? ? 
metalc23 metalc ? ? A G 13 O6 ? ? ? 1_555 D K .  K  ? ? B G 13 B K 103 1_555 ? ? ? ? ? ? ?           2.561 ? ? 
metalc24 metalc ? ? A G 13 O6 ? ? ? 1_555 D K .  K  ? ? B G 13 B K 103 2_455 ? ? ? ? ? ? ?           3.040 ? ? 
hydrog1  hydrog ? ? A G 1  N1 ? ? ? 1_555 A G 6  O6 ? ? B G 1  B G 6   1_555 ? ? ? ? ? ? TYPE_6_PAIR ?     ? ? 
hydrog2  hydrog ? ? A G 1  N2 ? ? ? 1_555 A G 6  N7 ? ? B G 1  B G 6   1_555 ? ? ? ? ? ? TYPE_6_PAIR ?     ? ? 
hydrog3  hydrog ? ? A G 2  N1 ? ? ? 1_555 A G 7  O6 ? ? B G 2  B G 7   1_555 ? ? ? ? ? ? TYPE_6_PAIR ?     ? ? 
hydrog4  hydrog ? ? A G 2  N2 ? ? ? 1_555 A G 7  N7 ? ? B G 2  B G 7   1_555 ? ? ? ? ? ? TYPE_6_PAIR ?     ? ? 
hydrog5  hydrog ? ? A G 9  N1 ? ? ? 1_555 A G 12 O6 ? ? B G 9  B G 12  1_555 ? ? ? ? ? ? TYPE_6_PAIR ?     ? ? 
hydrog6  hydrog ? ? A G 9  N2 ? ? ? 1_555 A G 12 N7 ? ? B G 9  B G 12  1_555 ? ? ? ? ? ? TYPE_6_PAIR ?     ? ? 
hydrog7  hydrog ? ? A G 10 N1 ? ? ? 1_555 A G 13 O6 ? ? B G 10 B G 13  1_555 ? ? ? ? ? ? TYPE_6_PAIR ?     ? ? 
hydrog8  hydrog ? ? A G 10 N2 ? ? ? 1_555 A G 13 N7 ? ? B G 10 B G 13  1_555 ? ? ? ? ? ? TYPE_6_PAIR ?     ? ? 
# 
loop_
_struct_conn_type.id 
_struct_conn_type.criteria 
_struct_conn_type.reference 
metalc ? ? 
hydrog ? ? 
# 
loop_
_pdbx_struct_conn_angle.id 
_pdbx_struct_conn_angle.ptnr1_label_atom_id 
_pdbx_struct_conn_angle.ptnr1_label_alt_id 
_pdbx_struct_conn_angle.ptnr1_label_asym_id 
_pdbx_struct_conn_angle.ptnr1_label_comp_id 
_pdbx_struct_conn_angle.ptnr1_label_seq_id 
_pdbx_struct_conn_angle.ptnr1_auth_atom_id 
_pdbx_struct_conn_angle.ptnr1_auth_asym_id 
_pdbx_struct_conn_angle.ptnr1_auth_comp_id 
_pdbx_struct_conn_angle.ptnr1_auth_seq_id 
_pdbx_struct_conn_angle.ptnr1_PDB_ins_code 
_pdbx_struct_conn_angle.ptnr1_symmetry 
_pdbx_struct_conn_angle.ptnr2_label_atom_id 
_pdbx_struct_conn_angle.ptnr2_label_alt_id 
_pdbx_struct_conn_angle.ptnr2_label_asym_id 
_pdbx_struct_conn_angle.ptnr2_label_comp_id 
_pdbx_struct_conn_angle.ptnr2_label_seq_id 
_pdbx_struct_conn_angle.ptnr2_auth_atom_id 
_pdbx_struct_conn_angle.ptnr2_auth_asym_id 
_pdbx_struct_conn_angle.ptnr2_auth_comp_id 
_pdbx_struct_conn_angle.ptnr2_auth_seq_id 
_pdbx_struct_conn_angle.ptnr2_PDB_ins_code 
_pdbx_struct_conn_angle.ptnr2_symmetry 
_pdbx_struct_conn_angle.ptnr3_label_atom_id 
_pdbx_struct_conn_angle.ptnr3_label_alt_id 
_pdbx_struct_conn_angle.ptnr3_label_asym_id 
_pdbx_struct_conn_angle.ptnr3_label_comp_id 
_pdbx_struct_conn_angle.ptnr3_label_seq_id 
_pdbx_struct_conn_angle.ptnr3_auth_atom_id 
_pdbx_struct_conn_angle.ptnr3_auth_asym_id 
_pdbx_struct_conn_angle.ptnr3_auth_comp_id 
_pdbx_struct_conn_angle.ptnr3_auth_seq_id 
_pdbx_struct_conn_angle.ptnr3_PDB_ins_code 
_pdbx_struct_conn_angle.ptnr3_symmetry 
_pdbx_struct_conn_angle.value 
_pdbx_struct_conn_angle.value_esd 
1  O6 ? A G 1  ? B G 1  ? 1_555 K ? F K . ? B K 105 ? 1_555 O6 ? A G 1  ? B G 1  ? 1_555 0.0   ? 
2  O6 ? A G 1  ? B G 1  ? 1_555 K ? F K . ? B K 105 ? 1_555 O6 ? A G 2  ? B G 2  ? 1_555 81.4  ? 
3  O6 ? A G 1  ? B G 1  ? 1_555 K ? F K . ? B K 105 ? 1_555 O6 ? A G 2  ? B G 2  ? 1_555 81.4  ? 
4  O6 ? A G 1  ? B G 1  ? 1_555 K ? F K . ? B K 105 ? 1_555 O6 ? A G 2  ? B G 2  ? 1_555 81.4  ? 
5  O6 ? A G 1  ? B G 1  ? 1_555 K ? F K . ? B K 105 ? 1_555 O6 ? A G 2  ? B G 2  ? 1_555 81.4  ? 
6  O6 ? A G 2  ? B G 2  ? 1_555 K ? F K . ? B K 105 ? 1_555 O6 ? A G 2  ? B G 2  ? 1_555 0.0   ? 
7  O6 ? A G 1  ? B G 1  ? 1_555 K ? F K . ? B K 105 ? 1_555 O6 ? A G 6  ? B G 6  ? 1_555 76.9  ? 
8  O6 ? A G 1  ? B G 1  ? 1_555 K ? F K . ? B K 105 ? 1_555 O6 ? A G 6  ? B G 6  ? 1_555 76.9  ? 
9  O6 ? A G 2  ? B G 2  ? 1_555 K ? F K . ? B K 105 ? 1_555 O6 ? A G 6  ? B G 6  ? 1_555 82.3  ? 
10 O6 ? A G 2  ? B G 2  ? 1_555 K ? F K . ? B K 105 ? 1_555 O6 ? A G 6  ? B G 6  ? 1_555 82.3  ? 
11 O6 ? A G 1  ? B G 1  ? 1_555 K ? F K . ? B K 105 ? 1_555 O6 ? A G 6  ? B G 6  ? 1_555 76.9  ? 
12 O6 ? A G 1  ? B G 1  ? 1_555 K ? F K . ? B K 105 ? 1_555 O6 ? A G 6  ? B G 6  ? 1_555 76.9  ? 
13 O6 ? A G 2  ? B G 2  ? 1_555 K ? F K . ? B K 105 ? 1_555 O6 ? A G 6  ? B G 6  ? 1_555 82.3  ? 
14 O6 ? A G 2  ? B G 2  ? 1_555 K ? F K . ? B K 105 ? 1_555 O6 ? A G 6  ? B G 6  ? 1_555 82.3  ? 
15 O6 ? A G 6  ? B G 6  ? 1_555 K ? F K . ? B K 105 ? 1_555 O6 ? A G 6  ? B G 6  ? 1_555 0.0   ? 
16 O6 ? A G 1  ? B G 1  ? 1_555 K ? F K . ? B K 105 ? 1_555 O6 ? A G 7  ? B G 7  ? 1_555 143.5 ? 
17 O6 ? A G 1  ? B G 1  ? 1_555 K ? F K . ? B K 105 ? 1_555 O6 ? A G 7  ? B G 7  ? 1_555 143.5 ? 
18 O6 ? A G 2  ? B G 2  ? 1_555 K ? F K . ? B K 105 ? 1_555 O6 ? A G 7  ? B G 7  ? 1_555 65.3  ? 
19 O6 ? A G 2  ? B G 2  ? 1_555 K ? F K . ? B K 105 ? 1_555 O6 ? A G 7  ? B G 7  ? 1_555 65.3  ? 
20 O6 ? A G 6  ? B G 6  ? 1_555 K ? F K . ? B K 105 ? 1_555 O6 ? A G 7  ? B G 7  ? 1_555 84.0  ? 
21 O6 ? A G 6  ? B G 6  ? 1_555 K ? F K . ? B K 105 ? 1_555 O6 ? A G 7  ? B G 7  ? 1_555 84.0  ? 
22 O6 ? A G 1  ? B G 1  ? 1_555 K ? F K . ? B K 105 ? 1_555 O6 ? A G 7  ? B G 7  ? 1_555 143.5 ? 
23 O6 ? A G 1  ? B G 1  ? 1_555 K ? F K . ? B K 105 ? 1_555 O6 ? A G 7  ? B G 7  ? 1_555 143.5 ? 
24 O6 ? A G 2  ? B G 2  ? 1_555 K ? F K . ? B K 105 ? 1_555 O6 ? A G 7  ? B G 7  ? 1_555 65.3  ? 
25 O6 ? A G 2  ? B G 2  ? 1_555 K ? F K . ? B K 105 ? 1_555 O6 ? A G 7  ? B G 7  ? 1_555 65.3  ? 
26 O6 ? A G 6  ? B G 6  ? 1_555 K ? F K . ? B K 105 ? 1_555 O6 ? A G 7  ? B G 7  ? 1_555 84.0  ? 
27 O6 ? A G 6  ? B G 6  ? 1_555 K ? F K . ? B K 105 ? 1_555 O6 ? A G 7  ? B G 7  ? 1_555 84.0  ? 
28 O6 ? A G 7  ? B G 7  ? 1_555 K ? F K . ? B K 105 ? 1_555 O6 ? A G 7  ? B G 7  ? 1_555 0.0   ? 
29 O6 ? A G 2  ? B G 2  ? 1_555 K ? E K . ? B K 104 ? 1_555 O6 ? A G 2  ? B G 2  ? 1_555 0.0   ? 
30 O6 ? A G 2  ? B G 2  ? 1_555 K ? E K . ? B K 104 ? 1_555 O6 ? A G 7  ? B G 7  ? 1_555 70.7  ? 
31 O6 ? A G 2  ? B G 2  ? 1_555 K ? E K . ? B K 104 ? 1_555 O6 ? A G 7  ? B G 7  ? 1_555 70.7  ? 
32 O6 ? A G 2  ? B G 2  ? 1_555 K ? E K . ? B K 104 ? 1_555 O6 ? A G 7  ? B G 7  ? 1_555 70.7  ? 
33 O6 ? A G 2  ? B G 2  ? 1_555 K ? E K . ? B K 104 ? 1_555 O6 ? A G 7  ? B G 7  ? 1_555 70.7  ? 
34 O6 ? A G 7  ? B G 7  ? 1_555 K ? E K . ? B K 104 ? 1_555 O6 ? A G 7  ? B G 7  ? 1_555 0.0   ? 
35 O6 ? A G 2  ? B G 2  ? 1_555 K ? E K . ? B K 104 ? 1_555 O6 ? A G 9  ? B G 9  ? 1_555 136.2 ? 
36 O6 ? A G 2  ? B G 2  ? 1_555 K ? E K . ? B K 104 ? 1_555 O6 ? A G 9  ? B G 9  ? 1_555 136.2 ? 
37 O6 ? A G 7  ? B G 7  ? 1_555 K ? E K . ? B K 104 ? 1_555 O6 ? A G 9  ? B G 9  ? 1_555 80.6  ? 
38 O6 ? A G 7  ? B G 7  ? 1_555 K ? E K . ? B K 104 ? 1_555 O6 ? A G 9  ? B G 9  ? 1_555 80.6  ? 
39 O6 ? A G 2  ? B G 2  ? 1_555 K ? E K . ? B K 104 ? 1_555 O6 ? A G 9  ? B G 9  ? 1_555 136.2 ? 
40 O6 ? A G 2  ? B G 2  ? 1_555 K ? E K . ? B K 104 ? 1_555 O6 ? A G 9  ? B G 9  ? 1_555 136.2 ? 
41 O6 ? A G 7  ? B G 7  ? 1_555 K ? E K . ? B K 104 ? 1_555 O6 ? A G 9  ? B G 9  ? 1_555 80.6  ? 
42 O6 ? A G 7  ? B G 7  ? 1_555 K ? E K . ? B K 104 ? 1_555 O6 ? A G 9  ? B G 9  ? 1_555 80.6  ? 
43 O6 ? A G 9  ? B G 9  ? 1_555 K ? E K . ? B K 104 ? 1_555 O6 ? A G 9  ? B G 9  ? 1_555 0.0   ? 
44 O6 ? A G 2  ? B G 2  ? 1_555 K ? E K . ? B K 104 ? 1_555 O6 ? A G 12 ? B G 12 ? 1_555 78.4  ? 
45 O6 ? A G 2  ? B G 2  ? 1_555 K ? E K . ? B K 104 ? 1_555 O6 ? A G 12 ? B G 12 ? 1_555 78.4  ? 
46 O6 ? A G 7  ? B G 7  ? 1_555 K ? E K . ? B K 104 ? 1_555 O6 ? A G 12 ? B G 12 ? 1_555 92.1  ? 
47 O6 ? A G 7  ? B G 7  ? 1_555 K ? E K . ? B K 104 ? 1_555 O6 ? A G 12 ? B G 12 ? 1_555 92.1  ? 
48 O6 ? A G 9  ? B G 9  ? 1_555 K ? E K . ? B K 104 ? 1_555 O6 ? A G 12 ? B G 12 ? 1_555 70.2  ? 
49 O6 ? A G 9  ? B G 9  ? 1_555 K ? E K . ? B K 104 ? 1_555 O6 ? A G 12 ? B G 12 ? 1_555 70.2  ? 
50 O6 ? A G 2  ? B G 2  ? 1_555 K ? E K . ? B K 104 ? 1_555 O6 ? A G 12 ? B G 12 ? 1_555 78.4  ? 
51 O6 ? A G 2  ? B G 2  ? 1_555 K ? E K . ? B K 104 ? 1_555 O6 ? A G 12 ? B G 12 ? 1_555 78.4  ? 
52 O6 ? A G 7  ? B G 7  ? 1_555 K ? E K . ? B K 104 ? 1_555 O6 ? A G 12 ? B G 12 ? 1_555 92.1  ? 
53 O6 ? A G 7  ? B G 7  ? 1_555 K ? E K . ? B K 104 ? 1_555 O6 ? A G 12 ? B G 12 ? 1_555 92.1  ? 
54 O6 ? A G 9  ? B G 9  ? 1_555 K ? E K . ? B K 104 ? 1_555 O6 ? A G 12 ? B G 12 ? 1_555 70.2  ? 
55 O6 ? A G 9  ? B G 9  ? 1_555 K ? E K . ? B K 104 ? 1_555 O6 ? A G 12 ? B G 12 ? 1_555 70.2  ? 
56 O6 ? A G 12 ? B G 12 ? 1_555 K ? E K . ? B K 104 ? 1_555 O6 ? A G 12 ? B G 12 ? 1_555 0.0   ? 
57 O6 ? A G 9  ? B G 9  ? 1_555 K ? D K . ? B K 103 ? 1_555 O6 ? A G 9  ? B G 9  ? 1_555 0.0   ? 
58 O6 ? A G 9  ? B G 9  ? 1_555 K ? D K . ? B K 103 ? 1_555 O6 ? A G 10 ? B G 10 ? 1_555 79.9  ? 
59 O6 ? A G 9  ? B G 9  ? 1_555 K ? D K . ? B K 103 ? 1_555 O6 ? A G 10 ? B G 10 ? 1_555 79.9  ? 
60 O6 ? A G 9  ? B G 9  ? 1_555 K ? D K . ? B K 103 ? 1_555 O6 ? A G 10 ? B G 10 ? 1_555 79.9  ? 
61 O6 ? A G 9  ? B G 9  ? 1_555 K ? D K . ? B K 103 ? 1_555 O6 ? A G 10 ? B G 10 ? 1_555 79.9  ? 
62 O6 ? A G 10 ? B G 10 ? 1_555 K ? D K . ? B K 103 ? 1_555 O6 ? A G 10 ? B G 10 ? 1_555 0.0   ? 
63 O6 ? A G 9  ? B G 9  ? 1_555 K ? D K . ? B K 103 ? 1_555 O6 ? A G 12 ? B G 12 ? 1_555 71.1  ? 
64 O6 ? A G 9  ? B G 9  ? 1_555 K ? D K . ? B K 103 ? 1_555 O6 ? A G 12 ? B G 12 ? 1_555 71.1  ? 
65 O6 ? A G 10 ? B G 10 ? 1_555 K ? D K . ? B K 103 ? 1_555 O6 ? A G 12 ? B G 12 ? 1_555 101.2 ? 
66 O6 ? A G 10 ? B G 10 ? 1_555 K ? D K . ? B K 103 ? 1_555 O6 ? A G 12 ? B G 12 ? 1_555 101.2 ? 
67 O6 ? A G 9  ? B G 9  ? 1_555 K ? D K . ? B K 103 ? 1_555 O6 ? A G 12 ? B G 12 ? 1_555 71.1  ? 
68 O6 ? A G 9  ? B G 9  ? 1_555 K ? D K . ? B K 103 ? 1_555 O6 ? A G 12 ? B G 12 ? 1_555 71.1  ? 
69 O6 ? A G 10 ? B G 10 ? 1_555 K ? D K . ? B K 103 ? 1_555 O6 ? A G 12 ? B G 12 ? 1_555 101.2 ? 
70 O6 ? A G 10 ? B G 10 ? 1_555 K ? D K . ? B K 103 ? 1_555 O6 ? A G 12 ? B G 12 ? 1_555 101.2 ? 
71 O6 ? A G 12 ? B G 12 ? 1_555 K ? D K . ? B K 103 ? 1_555 O6 ? A G 12 ? B G 12 ? 1_555 0.0   ? 
72 O6 ? A G 9  ? B G 9  ? 1_555 K ? D K . ? B K 103 ? 1_555 O6 ? A G 13 ? B G 13 ? 1_555 143.9 ? 
73 O6 ? A G 9  ? B G 9  ? 1_555 K ? D K . ? B K 103 ? 1_555 O6 ? A G 13 ? B G 13 ? 1_555 143.9 ? 
74 O6 ? A G 10 ? B G 10 ? 1_555 K ? D K . ? B K 103 ? 1_555 O6 ? A G 13 ? B G 13 ? 1_555 80.2  ? 
75 O6 ? A G 10 ? B G 10 ? 1_555 K ? D K . ? B K 103 ? 1_555 O6 ? A G 13 ? B G 13 ? 1_555 80.2  ? 
76 O6 ? A G 12 ? B G 12 ? 1_555 K ? D K . ? B K 103 ? 1_555 O6 ? A G 13 ? B G 13 ? 1_555 83.6  ? 
77 O6 ? A G 12 ? B G 12 ? 1_555 K ? D K . ? B K 103 ? 1_555 O6 ? A G 13 ? B G 13 ? 1_555 83.6  ? 
78 O6 ? A G 9  ? B G 9  ? 1_555 K ? D K . ? B K 103 ? 1_555 O6 ? A G 13 ? B G 13 ? 1_555 143.9 ? 
79 O6 ? A G 9  ? B G 9  ? 1_555 K ? D K . ? B K 103 ? 1_555 O6 ? A G 13 ? B G 13 ? 1_555 143.9 ? 
80 O6 ? A G 10 ? B G 10 ? 1_555 K ? D K . ? B K 103 ? 1_555 O6 ? A G 13 ? B G 13 ? 1_555 80.2  ? 
81 O6 ? A G 10 ? B G 10 ? 1_555 K ? D K . ? B K 103 ? 1_555 O6 ? A G 13 ? B G 13 ? 1_555 80.2  ? 
82 O6 ? A G 12 ? B G 12 ? 1_555 K ? D K . ? B K 103 ? 1_555 O6 ? A G 13 ? B G 13 ? 1_555 83.6  ? 
83 O6 ? A G 12 ? B G 12 ? 1_555 K ? D K . ? B K 103 ? 1_555 O6 ? A G 13 ? B G 13 ? 1_555 83.6  ? 
84 O6 ? A G 13 ? B G 13 ? 1_555 K ? D K . ? B K 103 ? 1_555 O6 ? A G 13 ? B G 13 ? 1_555 0.0   ? 
# 
loop_
_struct_site.id 
_struct_site.pdbx_evidence_code 
_struct_site.pdbx_auth_asym_id 
_struct_site.pdbx_auth_comp_id 
_struct_site.pdbx_auth_seq_id 
_struct_site.pdbx_auth_ins_code 
_struct_site.pdbx_num_residues 
_struct_site.details 
AC1 Software B POH 101 ? 4 'binding site for residue POH B 101' 
AC2 Software B POH 102 ? 3 'binding site for residue POH B 102' 
AC3 Software B K   103 ? 5 'binding site for residue K B 103'   
AC4 Software B K   104 ? 6 'binding site for residue K B 104'   
AC5 Software B K   105 ? 5 'binding site for residue K B 105'   
# 
loop_
_struct_site_gen.id 
_struct_site_gen.site_id 
_struct_site_gen.pdbx_num_res 
_struct_site_gen.label_comp_id 
_struct_site_gen.label_asym_id 
_struct_site_gen.label_seq_id 
_struct_site_gen.pdbx_auth_ins_code 
_struct_site_gen.auth_comp_id 
_struct_site_gen.auth_asym_id 
_struct_site_gen.auth_seq_id 
_struct_site_gen.label_atom_id 
_struct_site_gen.label_alt_id 
_struct_site_gen.symmetry 
_struct_site_gen.details 
1  AC1 4 C A 5  ? C B 5   . ? 1_565 ? 
2  AC1 4 G A 10 ? G B 10  . ? 1_555 ? 
3  AC1 4 G A 13 ? G B 13  . ? 1_555 ? 
4  AC1 4 A A 14 ? A B 14  . ? 1_555 ? 
5  AC2 3 U A 4  ? U B 4   . ? 1_565 ? 
6  AC2 3 C A 11 ? C B 11  . ? 1_555 ? 
7  AC2 3 G A 13 ? G B 13  . ? 1_555 ? 
8  AC3 5 G A 9  ? G B 9   . ? 1_555 ? 
9  AC3 5 G A 10 ? G B 10  . ? 1_555 ? 
10 AC3 5 G A 12 ? G B 12  . ? 1_555 ? 
11 AC3 5 G A 13 ? G B 13  . ? 1_555 ? 
12 AC3 5 K E .  ? K B 104 . ? 1_555 ? 
13 AC4 6 G A 2  ? G B 2   . ? 1_555 ? 
14 AC4 6 G A 7  ? G B 7   . ? 1_555 ? 
15 AC4 6 G A 9  ? G B 9   . ? 1_555 ? 
16 AC4 6 G A 12 ? G B 12  . ? 1_555 ? 
17 AC4 6 K D .  ? K B 103 . ? 1_555 ? 
18 AC4 6 K F .  ? K B 105 . ? 1_555 ? 
19 AC5 5 G A 1  ? G B 1   . ? 1_555 ? 
20 AC5 5 G A 2  ? G B 2   . ? 1_555 ? 
21 AC5 5 G A 6  ? G B 6   . ? 1_555 ? 
22 AC5 5 G A 7  ? G B 7   . ? 1_555 ? 
23 AC5 5 K E .  ? K B 104 . ? 1_555 ? 
# 
loop_
_pdbx_struct_special_symmetry.id 
_pdbx_struct_special_symmetry.PDB_model_num 
_pdbx_struct_special_symmetry.auth_asym_id 
_pdbx_struct_special_symmetry.auth_comp_id 
_pdbx_struct_special_symmetry.auth_seq_id 
_pdbx_struct_special_symmetry.PDB_ins_code 
_pdbx_struct_special_symmetry.label_asym_id 
_pdbx_struct_special_symmetry.label_comp_id 
_pdbx_struct_special_symmetry.label_seq_id 
1 1 B K   104 ? E K   . 
2 1 B K   105 ? F K   . 
3 1 B HOH 202 ? G HOH . 
# 
_pdbx_entry_details.entry_id                 6JJH 
_pdbx_entry_details.has_ligand_of_interest   Y 
_pdbx_entry_details.compound_details         ? 
_pdbx_entry_details.source_details           ? 
_pdbx_entry_details.nonpolymer_details       ? 
_pdbx_entry_details.sequence_details         ? 
# 
loop_
_chem_comp_atom.comp_id 
_chem_comp_atom.atom_id 
_chem_comp_atom.type_symbol 
_chem_comp_atom.pdbx_aromatic_flag 
_chem_comp_atom.pdbx_stereo_config 
_chem_comp_atom.pdbx_ordinal 
A   OP3    O N N 1   
A   P      P N N 2   
A   OP1    O N N 3   
A   OP2    O N N 4   
A   "O5'"  O N N 5   
A   "C5'"  C N N 6   
A   "C4'"  C N R 7   
A   "O4'"  O N N 8   
A   "C3'"  C N S 9   
A   "O3'"  O N N 10  
A   "C2'"  C N R 11  
A   "O2'"  O N N 12  
A   "C1'"  C N R 13  
A   N9     N Y N 14  
A   C8     C Y N 15  
A   N7     N Y N 16  
A   C5     C Y N 17  
A   C6     C Y N 18  
A   N6     N N N 19  
A   N1     N Y N 20  
A   C2     C Y N 21  
A   N3     N Y N 22  
A   C4     C Y N 23  
A   HOP3   H N N 24  
A   HOP2   H N N 25  
A   "H5'"  H N N 26  
A   "H5''" H N N 27  
A   "H4'"  H N N 28  
A   "H3'"  H N N 29  
A   "HO3'" H N N 30  
A   "H2'"  H N N 31  
A   "HO2'" H N N 32  
A   "H1'"  H N N 33  
A   H8     H N N 34  
A   H61    H N N 35  
A   H62    H N N 36  
A   H2     H N N 37  
C   OP3    O N N 38  
C   P      P N N 39  
C   OP1    O N N 40  
C   OP2    O N N 41  
C   "O5'"  O N N 42  
C   "C5'"  C N N 43  
C   "C4'"  C N R 44  
C   "O4'"  O N N 45  
C   "C3'"  C N S 46  
C   "O3'"  O N N 47  
C   "C2'"  C N R 48  
C   "O2'"  O N N 49  
C   "C1'"  C N R 50  
C   N1     N N N 51  
C   C2     C N N 52  
C   O2     O N N 53  
C   N3     N N N 54  
C   C4     C N N 55  
C   N4     N N N 56  
C   C5     C N N 57  
C   C6     C N N 58  
C   HOP3   H N N 59  
C   HOP2   H N N 60  
C   "H5'"  H N N 61  
C   "H5''" H N N 62  
C   "H4'"  H N N 63  
C   "H3'"  H N N 64  
C   "HO3'" H N N 65  
C   "H2'"  H N N 66  
C   "HO2'" H N N 67  
C   "H1'"  H N N 68  
C   H41    H N N 69  
C   H42    H N N 70  
C   H5     H N N 71  
C   H6     H N N 72  
G   OP3    O N N 73  
G   P      P N N 74  
G   OP1    O N N 75  
G   OP2    O N N 76  
G   "O5'"  O N N 77  
G   "C5'"  C N N 78  
G   "C4'"  C N R 79  
G   "O4'"  O N N 80  
G   "C3'"  C N S 81  
G   "O3'"  O N N 82  
G   "C2'"  C N R 83  
G   "O2'"  O N N 84  
G   "C1'"  C N R 85  
G   N9     N Y N 86  
G   C8     C Y N 87  
G   N7     N Y N 88  
G   C5     C Y N 89  
G   C6     C N N 90  
G   O6     O N N 91  
G   N1     N N N 92  
G   C2     C N N 93  
G   N2     N N N 94  
G   N3     N N N 95  
G   C4     C Y N 96  
G   HOP3   H N N 97  
G   HOP2   H N N 98  
G   "H5'"  H N N 99  
G   "H5''" H N N 100 
G   "H4'"  H N N 101 
G   "H3'"  H N N 102 
G   "HO3'" H N N 103 
G   "H2'"  H N N 104 
G   "HO2'" H N N 105 
G   "H1'"  H N N 106 
G   H8     H N N 107 
G   H1     H N N 108 
G   H21    H N N 109 
G   H22    H N N 110 
HOH O      O N N 111 
HOH H1     H N N 112 
HOH H2     H N N 113 
K   K      K N N 114 
POH CX3    C Y N 115 
POH C2A    C Y N 116 
POH C71    C Y N 117 
POH C81    C Y N 118 
POH C91    C Y N 119 
POH CXN    C N N 120 
POH C3A    C Y N 121 
POH C4A    C Y N 122 
POH C1A    C Y N 123 
POH CXD    C Y N 124 
POH NXT    N Y N 125 
POH NA     N Y N 126 
POH NB     N Y N 127 
POH NC     N Y N 128 
POH ND     N Y N 129 
POH CHB    C Y N 130 
POH C1B    C Y N 131 
POH CX4    C Y N 132 
POH C2B    C Y N 133 
POH C72    C Y N 134 
POH C82    C Y N 135 
POH C92    C Y N 136 
POH CXO    C N N 137 
POH C3B    C Y N 138 
POH C4B    C Y N 139 
POH CXE    C Y N 140 
POH NXU    N Y N 141 
POH CHC    C Y N 142 
POH C1C    C Y N 143 
POH CX5    C Y N 144 
POH C2C    C Y N 145 
POH C73    C Y N 146 
POH C83    C Y N 147 
POH C93    C Y N 148 
POH CXP    C N N 149 
POH C3C    C Y N 150 
POH C4C    C Y N 151 
POH CXF    C Y N 152 
POH NXV    N Y N 153 
POH CHD    C Y N 154 
POH C1D    C Y N 155 
POH CX6    C Y N 156 
POH C2D    C Y N 157 
POH C74    C Y N 158 
POH C84    C Y N 159 
POH C94    C Y N 160 
POH CXQ    C N N 161 
POH C3D    C Y N 162 
POH C4D    C Y N 163 
POH CXG    C Y N 164 
POH CHA    C Y N 165 
POH NXW    N Y N 166 
POH H51    H N N 167 
POH H11    H N N 168 
POH H31    H N N 169 
POH H41    H N N 170 
POH H811   H N N 171 
POH H821   H N N 172 
POH H831   H N N 173 
POH H21    H N N 174 
POH H61    H N N 175 
POH H71    H N N 176 
POH H73    H N N 177 
POH H52    H N N 178 
POH H12    H N N 179 
POH H32    H N N 180 
POH H42    H N N 181 
POH H812   H N N 182 
POH H822   H N N 183 
POH H832   H N N 184 
POH H22    H N N 185 
POH H62    H N N 186 
POH H53    H N N 187 
POH H13    H N N 188 
POH H33    H N N 189 
POH H43    H N N 190 
POH H813   H N N 191 
POH H823   H N N 192 
POH H833   H N N 193 
POH H23    H N N 194 
POH H63    H N N 195 
POH H54    H N N 196 
POH H14    H N N 197 
POH H34    H N N 198 
POH H44    H N N 199 
POH H814   H N N 200 
POH H824   H N N 201 
POH H834   H N N 202 
POH H24    H N N 203 
POH H64    H N N 204 
U   OP3    O N N 205 
U   P      P N N 206 
U   OP1    O N N 207 
U   OP2    O N N 208 
U   "O5'"  O N N 209 
U   "C5'"  C N N 210 
U   "C4'"  C N R 211 
U   "O4'"  O N N 212 
U   "C3'"  C N S 213 
U   "O3'"  O N N 214 
U   "C2'"  C N R 215 
U   "O2'"  O N N 216 
U   "C1'"  C N R 217 
U   N1     N N N 218 
U   C2     C N N 219 
U   O2     O N N 220 
U   N3     N N N 221 
U   C4     C N N 222 
U   O4     O N N 223 
U   C5     C N N 224 
U   C6     C N N 225 
U   HOP3   H N N 226 
U   HOP2   H N N 227 
U   "H5'"  H N N 228 
U   "H5''" H N N 229 
U   "H4'"  H N N 230 
U   "H3'"  H N N 231 
U   "HO3'" H N N 232 
U   "H2'"  H N N 233 
U   "HO2'" H N N 234 
U   "H1'"  H N N 235 
U   H3     H N N 236 
U   H5     H N N 237 
U   H6     H N N 238 
# 
loop_
_chem_comp_bond.comp_id 
_chem_comp_bond.atom_id_1 
_chem_comp_bond.atom_id_2 
_chem_comp_bond.value_order 
_chem_comp_bond.pdbx_aromatic_flag 
_chem_comp_bond.pdbx_stereo_config 
_chem_comp_bond.pdbx_ordinal 
A   OP3   P      sing N N 1   
A   OP3   HOP3   sing N N 2   
A   P     OP1    doub N N 3   
A   P     OP2    sing N N 4   
A   P     "O5'"  sing N N 5   
A   OP2   HOP2   sing N N 6   
A   "O5'" "C5'"  sing N N 7   
A   "C5'" "C4'"  sing N N 8   
A   "C5'" "H5'"  sing N N 9   
A   "C5'" "H5''" sing N N 10  
A   "C4'" "O4'"  sing N N 11  
A   "C4'" "C3'"  sing N N 12  
A   "C4'" "H4'"  sing N N 13  
A   "O4'" "C1'"  sing N N 14  
A   "C3'" "O3'"  sing N N 15  
A   "C3'" "C2'"  sing N N 16  
A   "C3'" "H3'"  sing N N 17  
A   "O3'" "HO3'" sing N N 18  
A   "C2'" "O2'"  sing N N 19  
A   "C2'" "C1'"  sing N N 20  
A   "C2'" "H2'"  sing N N 21  
A   "O2'" "HO2'" sing N N 22  
A   "C1'" N9     sing N N 23  
A   "C1'" "H1'"  sing N N 24  
A   N9    C8     sing Y N 25  
A   N9    C4     sing Y N 26  
A   C8    N7     doub Y N 27  
A   C8    H8     sing N N 28  
A   N7    C5     sing Y N 29  
A   C5    C6     sing Y N 30  
A   C5    C4     doub Y N 31  
A   C6    N6     sing N N 32  
A   C6    N1     doub Y N 33  
A   N6    H61    sing N N 34  
A   N6    H62    sing N N 35  
A   N1    C2     sing Y N 36  
A   C2    N3     doub Y N 37  
A   C2    H2     sing N N 38  
A   N3    C4     sing Y N 39  
C   OP3   P      sing N N 40  
C   OP3   HOP3   sing N N 41  
C   P     OP1    doub N N 42  
C   P     OP2    sing N N 43  
C   P     "O5'"  sing N N 44  
C   OP2   HOP2   sing N N 45  
C   "O5'" "C5'"  sing N N 46  
C   "C5'" "C4'"  sing N N 47  
C   "C5'" "H5'"  sing N N 48  
C   "C5'" "H5''" sing N N 49  
C   "C4'" "O4'"  sing N N 50  
C   "C4'" "C3'"  sing N N 51  
C   "C4'" "H4'"  sing N N 52  
C   "O4'" "C1'"  sing N N 53  
C   "C3'" "O3'"  sing N N 54  
C   "C3'" "C2'"  sing N N 55  
C   "C3'" "H3'"  sing N N 56  
C   "O3'" "HO3'" sing N N 57  
C   "C2'" "O2'"  sing N N 58  
C   "C2'" "C1'"  sing N N 59  
C   "C2'" "H2'"  sing N N 60  
C   "O2'" "HO2'" sing N N 61  
C   "C1'" N1     sing N N 62  
C   "C1'" "H1'"  sing N N 63  
C   N1    C2     sing N N 64  
C   N1    C6     sing N N 65  
C   C2    O2     doub N N 66  
C   C2    N3     sing N N 67  
C   N3    C4     doub N N 68  
C   C4    N4     sing N N 69  
C   C4    C5     sing N N 70  
C   N4    H41    sing N N 71  
C   N4    H42    sing N N 72  
C   C5    C6     doub N N 73  
C   C5    H5     sing N N 74  
C   C6    H6     sing N N 75  
G   OP3   P      sing N N 76  
G   OP3   HOP3   sing N N 77  
G   P     OP1    doub N N 78  
G   P     OP2    sing N N 79  
G   P     "O5'"  sing N N 80  
G   OP2   HOP2   sing N N 81  
G   "O5'" "C5'"  sing N N 82  
G   "C5'" "C4'"  sing N N 83  
G   "C5'" "H5'"  sing N N 84  
G   "C5'" "H5''" sing N N 85  
G   "C4'" "O4'"  sing N N 86  
G   "C4'" "C3'"  sing N N 87  
G   "C4'" "H4'"  sing N N 88  
G   "O4'" "C1'"  sing N N 89  
G   "C3'" "O3'"  sing N N 90  
G   "C3'" "C2'"  sing N N 91  
G   "C3'" "H3'"  sing N N 92  
G   "O3'" "HO3'" sing N N 93  
G   "C2'" "O2'"  sing N N 94  
G   "C2'" "C1'"  sing N N 95  
G   "C2'" "H2'"  sing N N 96  
G   "O2'" "HO2'" sing N N 97  
G   "C1'" N9     sing N N 98  
G   "C1'" "H1'"  sing N N 99  
G   N9    C8     sing Y N 100 
G   N9    C4     sing Y N 101 
G   C8    N7     doub Y N 102 
G   C8    H8     sing N N 103 
G   N7    C5     sing Y N 104 
G   C5    C6     sing N N 105 
G   C5    C4     doub Y N 106 
G   C6    O6     doub N N 107 
G   C6    N1     sing N N 108 
G   N1    C2     sing N N 109 
G   N1    H1     sing N N 110 
G   C2    N2     sing N N 111 
G   C2    N3     doub N N 112 
G   N2    H21    sing N N 113 
G   N2    H22    sing N N 114 
G   N3    C4     sing N N 115 
HOH O     H1     sing N N 116 
HOH O     H2     sing N N 117 
POH CX3   CXD    doub Y N 118 
POH CX3   NXT    sing Y N 119 
POH C2A   C3A    doub Y N 120 
POH C2A   C1A    sing Y N 121 
POH C71   C81    doub Y N 122 
POH C71   CXD    sing Y N 123 
POH C71   CHB    sing Y N 124 
POH C81   C91    sing Y N 125 
POH C91   NXT    doub Y N 126 
POH CXN   NXT    sing N N 127 
POH C3A   C4A    sing Y N 128 
POH C4A   NA     sing Y N 129 
POH C4A   CHB    doub Y N 130 
POH C1A   NA     sing Y N 131 
POH C1A   CHA    doub Y N 132 
POH NB    C1B    doub Y N 133 
POH NB    C4B    sing Y N 134 
POH NC    C1C    sing Y N 135 
POH NC    C4C    sing Y N 136 
POH ND    C1D    sing Y N 137 
POH ND    C4D    doub Y N 138 
POH CHB   C1B    sing Y N 139 
POH C1B   C2B    sing Y N 140 
POH CX4   CXE    doub Y N 141 
POH CX4   NXU    sing Y N 142 
POH C2B   C3B    doub Y N 143 
POH C72   C82    doub Y N 144 
POH C72   CXE    sing Y N 145 
POH C72   CHC    sing Y N 146 
POH C82   C92    sing Y N 147 
POH C92   NXU    doub Y N 148 
POH CXO   NXU    sing N N 149 
POH C3B   C4B    sing Y N 150 
POH C4B   CHC    doub Y N 151 
POH CHC   C1C    sing Y N 152 
POH C1C   C2C    doub Y N 153 
POH CX5   CXF    doub Y N 154 
POH CX5   NXV    sing Y N 155 
POH C2C   C3C    sing Y N 156 
POH C73   C83    doub Y N 157 
POH C73   CXF    sing Y N 158 
POH C73   CHD    sing Y N 159 
POH C83   C93    sing Y N 160 
POH C93   NXV    doub Y N 161 
POH CXP   NXV    sing N N 162 
POH C3C   C4C    doub Y N 163 
POH C4C   CHD    sing Y N 164 
POH CHD   C1D    doub Y N 165 
POH C1D   C2D    sing Y N 166 
POH CX6   CXG    sing Y N 167 
POH CX6   NXW    doub Y N 168 
POH C2D   C3D    doub Y N 169 
POH C74   C84    sing Y N 170 
POH C74   CXG    doub Y N 171 
POH C74   CHA    sing Y N 172 
POH C84   C94    doub Y N 173 
POH C94   NXW    sing Y N 174 
POH CXQ   NXW    sing N N 175 
POH C3D   C4D    sing Y N 176 
POH C4D   CHA    sing Y N 177 
POH CX3   H51    sing N N 178 
POH C2A   H11    sing N N 179 
POH C81   H31    sing N N 180 
POH C91   H41    sing N N 181 
POH CXN   H811   sing N N 182 
POH CXN   H821   sing N N 183 
POH CXN   H831   sing N N 184 
POH C3A   H21    sing N N 185 
POH CXD   H61    sing N N 186 
POH NA    H71    sing N N 187 
POH NC    H73    sing N N 188 
POH CX4   H52    sing N N 189 
POH C2B   H12    sing N N 190 
POH C82   H32    sing N N 191 
POH C92   H42    sing N N 192 
POH CXO   H812   sing N N 193 
POH CXO   H822   sing N N 194 
POH CXO   H832   sing N N 195 
POH C3B   H22    sing N N 196 
POH CXE   H62    sing N N 197 
POH CX5   H53    sing N N 198 
POH C2C   H13    sing N N 199 
POH C83   H33    sing N N 200 
POH C93   H43    sing N N 201 
POH CXP   H813   sing N N 202 
POH CXP   H823   sing N N 203 
POH CXP   H833   sing N N 204 
POH C3C   H23    sing N N 205 
POH CXF   H63    sing N N 206 
POH CX6   H54    sing N N 207 
POH C2D   H14    sing N N 208 
POH C84   H34    sing N N 209 
POH C94   H44    sing N N 210 
POH CXQ   H814   sing N N 211 
POH CXQ   H824   sing N N 212 
POH CXQ   H834   sing N N 213 
POH C3D   H24    sing N N 214 
POH CXG   H64    sing N N 215 
U   OP3   P      sing N N 216 
U   OP3   HOP3   sing N N 217 
U   P     OP1    doub N N 218 
U   P     OP2    sing N N 219 
U   P     "O5'"  sing N N 220 
U   OP2   HOP2   sing N N 221 
U   "O5'" "C5'"  sing N N 222 
U   "C5'" "C4'"  sing N N 223 
U   "C5'" "H5'"  sing N N 224 
U   "C5'" "H5''" sing N N 225 
U   "C4'" "O4'"  sing N N 226 
U   "C4'" "C3'"  sing N N 227 
U   "C4'" "H4'"  sing N N 228 
U   "O4'" "C1'"  sing N N 229 
U   "C3'" "O3'"  sing N N 230 
U   "C3'" "C2'"  sing N N 231 
U   "C3'" "H3'"  sing N N 232 
U   "O3'" "HO3'" sing N N 233 
U   "C2'" "O2'"  sing N N 234 
U   "C2'" "C1'"  sing N N 235 
U   "C2'" "H2'"  sing N N 236 
U   "O2'" "HO2'" sing N N 237 
U   "C1'" N1     sing N N 238 
U   "C1'" "H1'"  sing N N 239 
U   N1    C2     sing N N 240 
U   N1    C6     sing N N 241 
U   C2    O2     doub N N 242 
U   C2    N3     sing N N 243 
U   N3    C4     sing N N 244 
U   N3    H3     sing N N 245 
U   C4    O4     doub N N 246 
U   C4    C5     sing N N 247 
U   C5    C6     doub N N 248 
U   C5    H5     sing N N 249 
U   C6    H6     sing N N 250 
# 
loop_
_ndb_struct_conf_na.entry_id 
_ndb_struct_conf_na.feature 
6JJH 'double helix'     
6JJH 'parallel strands' 
# 
loop_
_ndb_struct_na_base_pair.model_number 
_ndb_struct_na_base_pair.i_label_asym_id 
_ndb_struct_na_base_pair.i_label_comp_id 
_ndb_struct_na_base_pair.i_label_seq_id 
_ndb_struct_na_base_pair.i_symmetry 
_ndb_struct_na_base_pair.j_label_asym_id 
_ndb_struct_na_base_pair.j_label_comp_id 
_ndb_struct_na_base_pair.j_label_seq_id 
_ndb_struct_na_base_pair.j_symmetry 
_ndb_struct_na_base_pair.shear 
_ndb_struct_na_base_pair.stretch 
_ndb_struct_na_base_pair.stagger 
_ndb_struct_na_base_pair.buckle 
_ndb_struct_na_base_pair.propeller 
_ndb_struct_na_base_pair.opening 
_ndb_struct_na_base_pair.pair_number 
_ndb_struct_na_base_pair.pair_name 
_ndb_struct_na_base_pair.i_auth_asym_id 
_ndb_struct_na_base_pair.i_auth_seq_id 
_ndb_struct_na_base_pair.i_PDB_ins_code 
_ndb_struct_na_base_pair.j_auth_asym_id 
_ndb_struct_na_base_pair.j_auth_seq_id 
_ndb_struct_na_base_pair.j_PDB_ins_code 
_ndb_struct_na_base_pair.hbond_type_28 
_ndb_struct_na_base_pair.hbond_type_12 
1 A G 1  1_555 A G 6  1_555 1.628  3.558  -0.012 4.100  2.532 -88.340 1 B_G1:G6_B   B 1  ? B 6  ? 6 3 
1 A G 2  1_555 A G 7  1_555 1.432  3.638  -0.218 -1.137 0.438 -90.305 2 B_G2:G7_B   B 2  ? B 7  ? 6 3 
1 A G 12 1_555 A G 9  1_555 -1.542 -3.470 0.236  -2.648 0.744 91.515  3 B_G12:G9_B  B 12 ? B 9  ? 6 3 
1 A G 13 1_555 A G 10 1_555 -1.698 -3.273 0.087  -1.356 0.656 90.510  4 B_G13:G10_B B 13 ? B 10 ? 6 3 
# 
loop_
_ndb_struct_na_base_pair_step.model_number 
_ndb_struct_na_base_pair_step.i_label_asym_id_1 
_ndb_struct_na_base_pair_step.i_label_comp_id_1 
_ndb_struct_na_base_pair_step.i_label_seq_id_1 
_ndb_struct_na_base_pair_step.i_symmetry_1 
_ndb_struct_na_base_pair_step.j_label_asym_id_1 
_ndb_struct_na_base_pair_step.j_label_comp_id_1 
_ndb_struct_na_base_pair_step.j_label_seq_id_1 
_ndb_struct_na_base_pair_step.j_symmetry_1 
_ndb_struct_na_base_pair_step.i_label_asym_id_2 
_ndb_struct_na_base_pair_step.i_label_comp_id_2 
_ndb_struct_na_base_pair_step.i_label_seq_id_2 
_ndb_struct_na_base_pair_step.i_symmetry_2 
_ndb_struct_na_base_pair_step.j_label_asym_id_2 
_ndb_struct_na_base_pair_step.j_label_comp_id_2 
_ndb_struct_na_base_pair_step.j_label_seq_id_2 
_ndb_struct_na_base_pair_step.j_symmetry_2 
_ndb_struct_na_base_pair_step.shift 
_ndb_struct_na_base_pair_step.slide 
_ndb_struct_na_base_pair_step.rise 
_ndb_struct_na_base_pair_step.tilt 
_ndb_struct_na_base_pair_step.roll 
_ndb_struct_na_base_pair_step.twist 
_ndb_struct_na_base_pair_step.x_displacement 
_ndb_struct_na_base_pair_step.y_displacement 
_ndb_struct_na_base_pair_step.helical_rise 
_ndb_struct_na_base_pair_step.inclination 
_ndb_struct_na_base_pair_step.tip 
_ndb_struct_na_base_pair_step.helical_twist 
_ndb_struct_na_base_pair_step.step_number 
_ndb_struct_na_base_pair_step.step_name 
_ndb_struct_na_base_pair_step.i_auth_asym_id_1 
_ndb_struct_na_base_pair_step.i_auth_seq_id_1 
_ndb_struct_na_base_pair_step.i_PDB_ins_code_1 
_ndb_struct_na_base_pair_step.j_auth_asym_id_1 
_ndb_struct_na_base_pair_step.j_auth_seq_id_1 
_ndb_struct_na_base_pair_step.j_PDB_ins_code_1 
_ndb_struct_na_base_pair_step.i_auth_asym_id_2 
_ndb_struct_na_base_pair_step.i_auth_seq_id_2 
_ndb_struct_na_base_pair_step.i_PDB_ins_code_2 
_ndb_struct_na_base_pair_step.j_auth_asym_id_2 
_ndb_struct_na_base_pair_step.j_auth_seq_id_2 
_ndb_struct_na_base_pair_step.j_PDB_ins_code_2 
1 A G 1  1_555 A G 6 1_555 A G 2  1_555 A G 7  1_555 -0.470 -1.563 -3.338 3.600   -0.987   44.991  -2.127 0.283 -3.331 -1.288  
-4.695  45.138  1 BB_G1G2:G7G6_BB    B 1  ? B 6 ? B 2  ? B 7  ? 
1 A G 2  1_555 A G 7 1_555 A G 12 1_555 A G 9  1_555 -1.440 -3.350 -0.280 119.179 -132.258 151.450 -1.683 0.713 0.105  -66.152 
-59.610 179.515 2 BB_G2G12:G9G7_BB   B 2  ? B 7 ? B 12 ? B 9  ? 
1 A G 12 1_555 A G 9 1_555 A G 13 1_555 A G 10 1_555 -0.385 -0.838 3.296  1.073   4.068    32.332  -2.194 0.870 3.156  7.267   
-1.918  32.597  3 BB_G12G13:G10G9_BB B 12 ? B 9 ? B 13 ? B 10 ? 
# 
_pdbx_audit_support.funding_organization   'National Natural Science Foundation of China (NSFC)' 
_pdbx_audit_support.country                China 
_pdbx_audit_support.grant_number           31672558 
_pdbx_audit_support.ordinal                1 
# 
loop_
_pdbx_entity_instance_feature.ordinal 
_pdbx_entity_instance_feature.comp_id 
_pdbx_entity_instance_feature.asym_id 
_pdbx_entity_instance_feature.seq_num 
_pdbx_entity_instance_feature.auth_comp_id 
_pdbx_entity_instance_feature.auth_asym_id 
_pdbx_entity_instance_feature.auth_seq_num 
_pdbx_entity_instance_feature.feature_type 
_pdbx_entity_instance_feature.details 
1 POH ? ? POH ? ? 'SUBJECT OF INVESTIGATION' ? 
2 K   ? ? K   ? ? 'SUBJECT OF INVESTIGATION' ? 
# 
_atom_sites.entry_id                    6JJH 
_atom_sites.Cartn_transf_matrix[1][1]   ? 
_atom_sites.Cartn_transf_matrix[1][2]   ? 
_atom_sites.Cartn_transf_matrix[1][3]   ? 
_atom_sites.Cartn_transf_matrix[2][1]   ? 
_atom_sites.Cartn_transf_matrix[2][2]   ? 
_atom_sites.Cartn_transf_matrix[2][3]   ? 
_atom_sites.Cartn_transf_matrix[3][1]   ? 
_atom_sites.Cartn_transf_matrix[3][2]   ? 
_atom_sites.Cartn_transf_matrix[3][3]   ? 
_atom_sites.Cartn_transf_vector[1]      ? 
_atom_sites.Cartn_transf_vector[2]      ? 
_atom_sites.Cartn_transf_vector[3]      ? 
_atom_sites.fract_transf_matrix[1][1]   0.00714318 
_atom_sites.fract_transf_matrix[1][2]   -0.00899320 
_atom_sites.fract_transf_matrix[1][3]   0.03320737 
_atom_sites.fract_transf_matrix[2][1]   -0.01484440 
_atom_sites.fract_transf_matrix[2][2]   -0.03891091 
_atom_sites.fract_transf_matrix[2][3]   -0.00734468 
_atom_sites.fract_transf_matrix[3][1]   0.03151127 
_atom_sites.fract_transf_matrix[3][2]   -0.01215981 
_atom_sites.fract_transf_matrix[3][3]   0.00073296 
_atom_sites.fract_transf_vector[1]      -0.304625 
_atom_sites.fract_transf_vector[2]      -0.288614 
_atom_sites.fract_transf_vector[3]      0.190930 
_atom_sites.solution_primary            ? 
_atom_sites.solution_secondary          ? 
_atom_sites.solution_hydrogens          ? 
_atom_sites.special_details             ? 
# 
loop_
_atom_type.symbol 
C 
K 
N 
O 
P 
# 
loop_
_atom_site.group_PDB 
_atom_site.id 
_atom_site.type_symbol 
_atom_site.label_atom_id 
_atom_site.label_alt_id 
_atom_site.label_comp_id 
_atom_site.label_asym_id 
_atom_site.label_entity_id 
_atom_site.label_seq_id 
_atom_site.pdbx_PDB_ins_code 
_atom_site.Cartn_x 
_atom_site.Cartn_y 
_atom_site.Cartn_z 
_atom_site.occupancy 
_atom_site.B_iso_or_equiv 
_atom_site.pdbx_formal_charge 
_atom_site.auth_seq_id 
_atom_site.auth_comp_id 
_atom_site.auth_asym_id 
_atom_site.auth_atom_id 
_atom_site.pdbx_PDB_model_num 
ATOM   1   O "O5'" . G   A 1 1  ? -2.250  8.150   5.416   1.00 35.97  ? 1   G   B "O5'" 1 
ATOM   2   C "C5'" . G   A 1 1  ? -3.015  8.495   6.590   1.00 37.91  ? 1   G   B "C5'" 1 
ATOM   3   C "C4'" . G   A 1 1  ? -4.486  8.362   6.328   1.00 34.43  ? 1   G   B "C4'" 1 
ATOM   4   O "O4'" . G   A 1 1  ? -4.872  9.308   5.308   1.00 35.18  ? 1   G   B "O4'" 1 
ATOM   5   C "C3'" . G   A 1 1  ? -4.966  7.014   5.797   1.00 35.33  ? 1   G   B "C3'" 1 
ATOM   6   O "O3'" . G   A 1 1  ? -5.158  6.088   6.868   1.00 37.31  ? 1   G   B "O3'" 1 
ATOM   7   C "C2'" . G   A 1 1  ? -6.264  7.366   5.057   1.00 37.31  ? 1   G   B "C2'" 1 
ATOM   8   O "O2'" . G   A 1 1  ? -7.517  7.253   5.733   1.00 42.41  ? 1   G   B "O2'" 1 
ATOM   9   C "C1'" . G   A 1 1  ? -6.001  8.810   4.605   1.00 32.21  ? 1   G   B "C1'" 1 
ATOM   10  N N9    . G   A 1 1  ? -5.753  8.944   3.167   1.00 30.24  ? 1   G   B N9    1 
ATOM   11  C C8    . G   A 1 1  ? -6.677  9.381   2.246   1.00 33.04  ? 1   G   B C8    1 
ATOM   12  N N7    . G   A 1 1  ? -6.210  9.411   1.027   1.00 31.15  ? 1   G   B N7    1 
ATOM   13  C C5    . G   A 1 1  ? -4.900  8.974   1.149   1.00 28.58  ? 1   G   B C5    1 
ATOM   14  C C6    . G   A 1 1  ? -3.904  8.797   0.158   1.00 27.56  ? 1   G   B C6    1 
ATOM   15  O O6    . G   A 1 1  ? -3.991  9.011   -1.058  1.00 26.96  ? 1   G   B O6    1 
ATOM   16  N N1    . G   A 1 1  ? -2.712  8.330   0.703   1.00 25.50  ? 1   G   B N1    1 
ATOM   17  C C2    . G   A 1 1  ? -2.511  8.046   2.038   1.00 27.07  ? 1   G   B C2    1 
ATOM   18  N N2    . G   A 1 1  ? -1.291  7.602   2.377   1.00 25.79  ? 1   G   B N2    1 
ATOM   19  N N3    . G   A 1 1  ? -3.422  8.249   2.979   1.00 25.90  ? 1   G   B N3    1 
ATOM   20  C C4    . G   A 1 1  ? -4.601  8.670   2.460   1.00 28.12  ? 1   G   B C4    1 
ATOM   21  P P     . G   A 1 2  ? -4.886  4.558   6.662   1.00 33.30  ? 2   G   B P     1 
ATOM   22  O OP1   . G   A 1 2  ? -5.278  4.195   5.265   1.00 38.73  ? 2   G   B OP1   1 
ATOM   23  O OP2   . G   A 1 2  ? -5.534  3.841   7.825   1.00 34.64  ? 2   G   B OP2   1 
ATOM   24  O "O5'" . G   A 1 2  ? -3.314  4.469   6.830   1.00 32.64  ? 2   G   B "O5'" 1 
ATOM   25  C "C5'" . G   A 1 2  ? -2.645  3.199   6.941   1.00 33.72  ? 2   G   B "C5'" 1 
ATOM   26  C "C4'" . G   A 1 2  ? -1.355  3.200   6.162   1.00 33.03  ? 2   G   B "C4'" 1 
ATOM   27  O "O4'" . G   A 1 2  ? -1.698  2.988   4.756   1.00 33.16  ? 2   G   B "O4'" 1 
ATOM   28  C "C3'" . G   A 1 2  ? -0.553  4.497   6.219   1.00 39.05  ? 2   G   B "C3'" 1 
ATOM   29  O "O3'" . G   A 1 2  ? 0.850   4.273   6.255   1.00 44.09  ? 2   G   B "O3'" 1 
ATOM   30  C "C2'" . G   A 1 2  ? -0.907  5.177   4.892   1.00 30.32  ? 2   G   B "C2'" 1 
ATOM   31  O "O2'" . G   A 1 2  ? 0.037   6.155   4.454   1.00 34.38  ? 2   G   B "O2'" 1 
ATOM   32  C "C1'" . G   A 1 2  ? -1.081  3.970   3.972   1.00 30.38  ? 2   G   B "C1'" 1 
ATOM   33  N N9    . G   A 1 2  ? -1.946  4.289   2.830   1.00 25.53  ? 2   G   B N9    1 
ATOM   34  C C8    . G   A 1 2  ? -3.247  4.740   2.878   1.00 23.24  ? 2   G   B C8    1 
ATOM   35  N N7    . G   A 1 2  ? -3.731  5.036   1.704   1.00 23.03  ? 2   G   B N7    1 
ATOM   36  C C5    . G   A 1 2  ? -2.674  4.803   0.834   1.00 23.02  ? 2   G   B C5    1 
ATOM   37  C C6    . G   A 1 2  ? -2.584  4.986   -0.565  1.00 21.79  ? 2   G   B C6    1 
ATOM   38  O O6    . G   A 1 2  ? -3.450  5.398   -1.345  1.00 23.22  ? 2   G   B O6    1 
ATOM   39  N N1    . G   A 1 2  ? -1.346  4.583   -1.055  1.00 24.71  ? 2   G   B N1    1 
ATOM   40  C C2    . G   A 1 2  ? -0.304  4.123   -0.287  1.00 27.91  ? 2   G   B C2    1 
ATOM   41  N N2    . G   A 1 2  ? 0.808   3.771   -0.949  1.00 26.85  ? 2   G   B N2    1 
ATOM   42  N N3    . G   A 1 2  ? -0.363  3.977   1.023   1.00 25.43  ? 2   G   B N3    1 
ATOM   43  C C4    . G   A 1 2  ? -1.571  4.329   1.514   1.00 26.29  ? 2   G   B C4    1 
ATOM   44  P P     . C   A 1 3  ? 1.597   3.949   7.655   1.00 45.95  ? 3   C   B P     1 
ATOM   45  O OP1   . C   A 1 3  ? 3.035   3.823   7.297   1.00 44.91  ? 3   C   B OP1   1 
ATOM   46  O OP2   . C   A 1 3  ? 0.880   2.796   8.259   1.00 39.22  ? 3   C   B OP2   1 
ATOM   47  O "O5'" . C   A 1 3  ? 1.369   5.299   8.469   1.00 39.19  ? 3   C   B "O5'" 1 
ATOM   48  C "C5'" . C   A 1 3  ? 1.965   6.508   8.020   1.00 40.32  ? 3   C   B "C5'" 1 
ATOM   49  C "C4'" . C   A 1 3  ? 1.660   7.620   8.973   1.00 46.63  ? 3   C   B "C4'" 1 
ATOM   50  O "O4'" . C   A 1 3  ? 0.238   7.930   8.934   1.00 47.18  ? 3   C   B "O4'" 1 
ATOM   51  C "C3'" . C   A 1 3  ? 1.979   7.307   10.432  1.00 47.98  ? 3   C   B "C3'" 1 
ATOM   52  O "O3'" . C   A 1 3  ? 2.602   8.450   11.005  1.00 54.22  ? 3   C   B "O3'" 1 
ATOM   53  C "C2'" . C   A 1 3  ? 0.606   7.043   11.044  1.00 45.40  ? 3   C   B "C2'" 1 
ATOM   54  O "O2'" . C   A 1 3  ? 0.557   7.408   12.402  1.00 48.96  ? 3   C   B "O2'" 1 
ATOM   55  C "C1'" . C   A 1 3  ? -0.249  8.025   10.255  1.00 44.04  ? 3   C   B "C1'" 1 
ATOM   56  N N1    . C   A 1 3  ? -1.688  7.751   10.233  1.00 36.32  ? 3   C   B N1    1 
ATOM   57  C C2    . C   A 1 3  ? -2.574  8.808   10.446  1.00 40.62  ? 3   C   B C2    1 
ATOM   58  O O2    . C   A 1 3  ? -2.119  9.930   10.712  1.00 49.06  ? 3   C   B O2    1 
ATOM   59  N N3    . C   A 1 3  ? -3.902  8.579   10.382  1.00 42.70  ? 3   C   B N3    1 
ATOM   60  C C4    . C   A 1 3  ? -4.354  7.356   10.116  1.00 35.16  ? 3   C   B C4    1 
ATOM   61  N N4    . C   A 1 3  ? -5.672  7.176   10.085  1.00 41.24  ? 3   C   B N4    1 
ATOM   62  C C5    . C   A 1 3  ? -3.475  6.258   9.907   1.00 35.28  ? 3   C   B C5    1 
ATOM   63  C C6    . C   A 1 3  ? -2.161  6.498   9.968   1.00 34.89  ? 3   C   B C6    1 
ATOM   64  P P     . U   A 1 4  ? 4.198   8.537   11.081  1.00 57.97  ? 4   U   B P     1 
ATOM   65  O OP1   . U   A 1 4  ? 4.723   7.162   11.328  1.00 54.27  ? 4   U   B OP1   1 
ATOM   66  O OP2   . U   A 1 4  ? 4.554   9.685   11.961  1.00 69.34  ? 4   U   B OP2   1 
ATOM   67  O "O5'" . U   A 1 4  ? 4.608   8.876   9.583   1.00 62.91  ? 4   U   B "O5'" 1 
ATOM   68  C "C5'" . U   A 1 4  ? 4.632   10.225  9.076   1.00 63.75  ? 4   U   B "C5'" 1 
ATOM   69  C "C4'" . U   A 1 4  ? 5.314   10.207  7.733   1.00 62.11  ? 4   U   B "C4'" 1 
ATOM   70  O "O4'" . U   A 1 4  ? 6.741   10.010  7.913   1.00 58.79  ? 4   U   B "O4'" 1 
ATOM   71  C "C3'" . U   A 1 4  ? 4.857   9.092   6.806   1.00 60.82  ? 4   U   B "C3'" 1 
ATOM   72  O "O3'" . U   A 1 4  ? 4.814   9.610   5.493   1.00 67.04  ? 4   U   B "O3'" 1 
ATOM   73  C "C2'" . U   A 1 4  ? 5.935   8.029   6.974   1.00 60.50  ? 4   U   B "C2'" 1 
ATOM   74  O "O2'" . U   A 1 4  ? 5.999   7.166   5.860   1.00 64.44  ? 4   U   B "O2'" 1 
ATOM   75  C "C1'" . U   A 1 4  ? 7.178   8.896   7.161   1.00 59.19  ? 4   U   B "C1'" 1 
ATOM   76  N N1    . U   A 1 4  ? 8.271   8.257   7.914   1.00 59.26  ? 4   U   B N1    1 
ATOM   77  C C2    . U   A 1 4  ? 9.454   7.974   7.253   1.00 54.13  ? 4   U   B C2    1 
ATOM   78  O O2    . U   A 1 4  ? 9.620   8.192   6.068   1.00 49.81  ? 4   U   B O2    1 
ATOM   79  N N3    . U   A 1 4  ? 10.432  7.412   8.036   1.00 58.45  ? 4   U   B N3    1 
ATOM   80  C C4    . U   A 1 4  ? 10.356  7.113   9.383   1.00 61.30  ? 4   U   B C4    1 
ATOM   81  O O4    . U   A 1 4  ? 11.324  6.595   9.948   1.00 57.32  ? 4   U   B O4    1 
ATOM   82  C C5    . U   A 1 4  ? 9.105   7.447   9.996   1.00 59.19  ? 4   U   B C5    1 
ATOM   83  C C6    . U   A 1 4  ? 8.134   8.003   9.262   1.00 62.16  ? 4   U   B C6    1 
ATOM   84  P P     . C   A 1 5  ? 3.415   10.003  4.817   1.00 62.33  ? 5   C   B P     1 
ATOM   85  O OP1   . C   A 1 5  ? 2.988   11.331  5.348   1.00 48.85  ? 5   C   B OP1   1 
ATOM   86  O OP2   . C   A 1 5  ? 2.507   8.823   4.926   1.00 50.97  ? 5   C   B OP2   1 
ATOM   87  O "O5'" . C   A 1 5  ? 3.873   10.245  3.310   1.00 50.98  ? 5   C   B "O5'" 1 
ATOM   88  C "C5'" . C   A 1 5  ? 4.457   9.196   2.548   1.00 48.36  ? 5   C   B "C5'" 1 
ATOM   89  C "C4'" . C   A 1 5  ? 4.325   9.511   1.082   1.00 50.60  ? 5   C   B "C4'" 1 
ATOM   90  O "O4'" . C   A 1 5  ? 2.924   9.443   0.685   1.00 46.32  ? 5   C   B "O4'" 1 
ATOM   91  C "C3'" . C   A 1 5  ? 4.812   10.890  0.654   1.00 49.38  ? 5   C   B "C3'" 1 
ATOM   92  O "O3'" . C   A 1 5  ? 5.572   10.723  -0.528  1.00 54.28  ? 5   C   B "O3'" 1 
ATOM   93  C "C2'" . C   A 1 5  ? 3.508   11.644  0.410   1.00 52.51  ? 5   C   B "C2'" 1 
ATOM   94  O "O2'" . C   A 1 5  ? 3.558   12.825  -0.365  1.00 50.50  ? 5   C   B "O2'" 1 
ATOM   95  C "C1'" . C   A 1 5  ? 2.646   10.524  -0.176  1.00 45.82  ? 5   C   B "C1'" 1 
ATOM   96  N N1    . C   A 1 5  ? 1.223   10.843  -0.088  1.00 39.62  ? 5   C   B N1    1 
ATOM   97  C C2    . C   A 1 5  ? 0.522   11.230  -1.237  1.00 37.55  ? 5   C   B C2    1 
ATOM   98  O O2    . C   A 1 5  ? 1.106   11.212  -2.337  1.00 37.83  ? 5   C   B O2    1 
ATOM   99  N N3    . C   A 1 5  ? -0.784  11.562  -1.128  1.00 34.14  ? 5   C   B N3    1 
ATOM   100 C C4    . C   A 1 5  ? -1.381  11.532  0.061   1.00 33.69  ? 5   C   B C4    1 
ATOM   101 N N4    . C   A 1 5  ? -2.658  11.891  0.126   1.00 34.56  ? 5   C   B N4    1 
ATOM   102 C C5    . C   A 1 5  ? -0.687  11.152  1.246   1.00 37.10  ? 5   C   B C5    1 
ATOM   103 C C6    . C   A 1 5  ? 0.592   10.804  1.125   1.00 34.63  ? 5   C   B C6    1 
ATOM   104 P P     . G   A 1 6  ? 7.142   10.424  -0.415  1.00 56.64  ? 6   G   B P     1 
ATOM   105 O OP1   . G   A 1 6  ? 7.643   11.267  0.705   1.00 57.60  ? 6   G   B OP1   1 
ATOM   106 O OP2   . G   A 1 6  ? 7.752   10.566  -1.767  1.00 60.52  ? 6   G   B OP2   1 
ATOM   107 O "O5'" . G   A 1 6  ? 7.195   8.850   -0.171  1.00 48.04  ? 6   G   B "O5'" 1 
ATOM   108 C "C5'" . G   A 1 6  ? 6.809   7.920   -1.216  1.00 46.21  ? 6   G   B "C5'" 1 
ATOM   109 C "C4'" . G   A 1 6  ? 6.330   6.615   -0.629  1.00 43.51  ? 6   G   B "C4'" 1 
ATOM   110 O "O4'" . G   A 1 6  ? 5.215   6.892   0.254   1.00 42.25  ? 6   G   B "O4'" 1 
ATOM   111 C "C3'" . G   A 1 6  ? 5.817   5.577   -1.617  1.00 43.55  ? 6   G   B "C3'" 1 
ATOM   112 O "O3'" . G   A 1 6  ? 6.825   4.661   -2.056  1.00 43.62  ? 6   G   B "O3'" 1 
ATOM   113 C "C2'" . G   A 1 6  ? 4.760   4.800   -0.819  1.00 42.29  ? 6   G   B "C2'" 1 
ATOM   114 O "O2'" . G   A 1 6  ? 5.175   3.568   -0.274  1.00 50.50  ? 6   G   B "O2'" 1 
ATOM   115 C "C1'" . G   A 1 6  ? 4.335   5.788   0.274   1.00 38.95  ? 6   G   B "C1'" 1 
ATOM   116 N N9    . G   A 1 6  ? 2.967   6.292   0.116   1.00 34.51  ? 6   G   B N9    1 
ATOM   117 C C8    . G   A 1 6  ? 2.011   6.425   1.091   1.00 32.87  ? 6   G   B C8    1 
ATOM   118 N N7    . G   A 1 6  ? 0.892   6.936   0.645   1.00 28.75  ? 6   G   B N7    1 
ATOM   119 C C5    . G   A 1 6  ? 1.137   7.176   -0.698  1.00 28.06  ? 6   G   B C5    1 
ATOM   120 C C6    . G   A 1 6  ? 0.274   7.662   -1.718  1.00 28.30  ? 6   G   B C6    1 
ATOM   121 O O6    . G   A 1 6  ? -0.890  8.043   -1.617  1.00 27.46  ? 6   G   B O6    1 
ATOM   122 N N1    . G   A 1 6  ? 0.927   7.746   -2.945  1.00 25.89  ? 6   G   B N1    1 
ATOM   123 C C2    . G   A 1 6  ? 2.234   7.381   -3.168  1.00 31.55  ? 6   G   B C2    1 
ATOM   124 N N2    . G   A 1 6  ? 2.677   7.494   -4.434  1.00 30.87  ? 6   G   B N2    1 
ATOM   125 N N3    . G   A 1 6  ? 3.020   6.854   -2.245  1.00 30.64  ? 6   G   B N3    1 
ATOM   126 C C4    . G   A 1 6  ? 2.411   6.781   -1.042  1.00 28.54  ? 6   G   B C4    1 
ATOM   127 P P     . G   A 1 7  ? 7.382   4.698   -3.584  1.00 49.04  ? 7   G   B P     1 
ATOM   128 O OP1   . G   A 1 7  ? 8.538   3.749   -3.682  1.00 59.68  ? 7   G   B OP1   1 
ATOM   129 O OP2   . G   A 1 7  ? 7.530   6.123   -3.954  1.00 39.90  ? 7   G   B OP2   1 
ATOM   130 O "O5'" . G   A 1 7  ? 6.251   3.930   -4.391  1.00 48.81  ? 7   G   B "O5'" 1 
ATOM   131 C "C5'" . G   A 1 7  ? 6.490   2.795   -5.231  1.00 45.66  ? 7   G   B "C5'" 1 
ATOM   132 C "C4'" . G   A 1 7  ? 5.661   2.949   -6.490  1.00 46.11  ? 7   G   B "C4'" 1 
ATOM   133 O "O4'" . G   A 1 7  ? 4.229   2.767   -6.194  1.00 46.17  ? 7   G   B "O4'" 1 
ATOM   134 C "C3'" . G   A 1 7  ? 5.773   4.318   -7.149  1.00 40.91  ? 7   G   B "C3'" 1 
ATOM   135 O "O3'" . G   A 1 7  ? 5.673   4.202   -8.550  1.00 44.40  ? 7   G   B "O3'" 1 
ATOM   136 C "C2'" . G   A 1 7  ? 4.528   5.044   -6.630  1.00 36.97  ? 7   G   B "C2'" 1 
ATOM   137 O "O2'" . G   A 1 7  ? 4.166   6.150   -7.421  1.00 38.38  ? 7   G   B "O2'" 1 
ATOM   138 C "C1'" . G   A 1 7  ? 3.506   3.908   -6.642  1.00 35.55  ? 7   G   B "C1'" 1 
ATOM   139 N N9    . G   A 1 7  ? 2.385   4.136   -5.727  1.00 31.71  ? 7   G   B N9    1 
ATOM   140 C C8    . G   A 1 7  ? 2.384   3.977   -4.358  1.00 27.92  ? 7   G   B C8    1 
ATOM   141 N N7    . G   A 1 7  ? 1.241   4.297   -3.805  1.00 28.87  ? 7   G   B N7    1 
ATOM   142 C C5    . G   A 1 7  ? 0.440   4.680   -4.872  1.00 24.99  ? 7   G   B C5    1 
ATOM   143 C C6    . G   A 1 7  ? -0.885  5.151   -4.889  1.00 25.70  ? 7   G   B C6    1 
ATOM   144 O O6    . G   A 1 7  ? -1.672  5.265   -3.945  1.00 22.86  ? 7   G   B O6    1 
ATOM   145 N N1    . G   A 1 7  ? -1.304  5.459   -6.176  1.00 23.87  ? 7   G   B N1    1 
ATOM   146 C C2    . G   A 1 7  ? -0.551  5.329   -7.310  1.00 24.94  ? 7   G   B C2    1 
ATOM   147 N N2    . G   A 1 7  ? -1.166  5.656   -8.441  1.00 23.97  ? 7   G   B N2    1 
ATOM   148 N N3    . G   A 1 7  ? 0.689   4.845   -7.322  1.00 24.34  ? 7   G   B N3    1 
ATOM   149 C C4    . G   A 1 7  ? 1.136   4.600   -6.066  1.00 25.46  ? 7   G   B C4    1 
ATOM   150 P P     . C   A 1 8  ? 7.005   4.306   -9.500  1.00 54.09  ? 8   C   B P     1 
ATOM   151 O OP1   . C   A 1 8  ? 7.703   2.994   -9.442  1.00 50.78  ? 8   C   B OP1   1 
ATOM   152 O OP2   . C   A 1 8  ? 7.701   5.571   -9.152  1.00 48.75  ? 8   C   B OP2   1 
ATOM   153 O "O5'" . C   A 1 8  ? 6.383   4.406   -10.964 1.00 53.16  ? 8   C   B "O5'" 1 
ATOM   154 C "C5'" . C   A 1 8  ? 5.428   5.439   -11.294 1.00 57.41  ? 8   C   B "C5'" 1 
ATOM   155 C "C4'" . C   A 1 8  ? 5.091   5.348   -12.760 1.00 62.11  ? 8   C   B "C4'" 1 
ATOM   156 O "O4'" . C   A 1 8  ? 6.264   5.727   -13.531 1.00 73.19  ? 8   C   B "O4'" 1 
ATOM   157 C "C3'" . C   A 1 8  ? 4.731   3.954   -13.248 1.00 69.73  ? 8   C   B "C3'" 1 
ATOM   158 O "O3'" . C   A 1 8  ? 3.350   3.658   -13.061 1.00 59.75  ? 8   C   B "O3'" 1 
ATOM   159 C "C2'" . C   A 1 8  ? 5.150   3.986   -14.717 1.00 76.34  ? 8   C   B "C2'" 1 
ATOM   160 O "O2'" . C   A 1 8  ? 4.200   4.511   -15.629 1.00 76.91  ? 8   C   B "O2'" 1 
ATOM   161 C "C1'" . C   A 1 8  ? 6.370   4.907   -14.682 1.00 79.17  ? 8   C   B "C1'" 1 
ATOM   162 N N1    . C   A 1 8  ? 7.675   4.225   -14.656 1.00 91.85  ? 8   C   B N1    1 
ATOM   163 C C2    . C   A 1 8  ? 7.993   3.329   -15.686 1.00 105.63 ? 8   C   B C2    1 
ATOM   164 O O2    . C   A 1 8  ? 7.147   3.099   -16.567 1.00 104.38 ? 8   C   B O2    1 
ATOM   165 N N3    . C   A 1 8  ? 9.203   2.724   -15.685 1.00 105.26 ? 8   C   B N3    1 
ATOM   166 C C4    . C   A 1 8  ? 10.087  3.001   -14.721 1.00 103.06 ? 8   C   B C4    1 
ATOM   167 N N4    . C   A 1 8  ? 11.268  2.382   -14.760 1.00 100.62 ? 8   C   B N4    1 
ATOM   168 C C5    . C   A 1 8  ? 9.795   3.920   -13.671 1.00 101.89 ? 8   C   B C5    1 
ATOM   169 C C6    . C   A 1 8  ? 8.592   4.512   -13.683 1.00 98.62  ? 8   C   B C6    1 
ATOM   170 P P     . G   A 1 9  ? 2.874   2.140   -13.050 1.00 67.12  ? 9   G   B P     1 
ATOM   171 O OP1   . G   A 1 9  ? 3.958   1.292   -13.642 1.00 68.42  ? 9   G   B OP1   1 
ATOM   172 O OP2   . G   A 1 9  ? 1.497   2.077   -13.602 1.00 68.89  ? 9   G   B OP2   1 
ATOM   173 O "O5'" . G   A 1 9  ? 2.793   1.810   -11.494 1.00 55.23  ? 9   G   B "O5'" 1 
ATOM   174 C "C5'" . G   A 1 9  ? 3.901   1.968   -10.607 1.00 46.90  ? 9   G   B "C5'" 1 
ATOM   175 C "C4'" . G   A 1 9  ? 3.655   1.124   -9.384  1.00 44.28  ? 9   G   B "C4'" 1 
ATOM   176 O "O4'" . G   A 1 9  ? 2.624   1.761   -8.556  1.00 37.03  ? 9   G   B "O4'" 1 
ATOM   177 C "C3'" . G   A 1 9  ? 3.126   -0.285  -9.659  1.00 42.38  ? 9   G   B "C3'" 1 
ATOM   178 O "O3'" . G   A 1 9  ? 3.481   -1.130  -8.571  1.00 58.30  ? 9   G   B "O3'" 1 
ATOM   179 C "C2'" . G   A 1 9  ? 1.630   -0.077  -9.513  1.00 40.10  ? 9   G   B "C2'" 1 
ATOM   180 O "O2'" . G   A 1 9  ? 0.810   -1.223  -9.438  1.00 43.78  ? 9   G   B "O2'" 1 
ATOM   181 C "C1'" . G   A 1 9  ? 1.646   0.799   -8.266  1.00 35.41  ? 9   G   B "C1'" 1 
ATOM   182 N N9    . G   A 1 9  ? 0.374   1.421   -7.925  1.00 29.58  ? 9   G   B N9    1 
ATOM   183 C C8    . G   A 1 9  ? -0.609  1.888   -8.762  1.00 27.56  ? 9   G   B C8    1 
ATOM   184 N N7    . G   A 1 9  ? -1.679  2.277   -8.126  1.00 26.96  ? 9   G   B N7    1 
ATOM   185 C C5    . G   A 1 9  ? -1.408  1.983   -6.798  1.00 28.10  ? 9   G   B C5    1 
ATOM   186 C C6    . G   A 1 9  ? -2.191  2.173   -5.648  1.00 26.22  ? 9   G   B C6    1 
ATOM   187 O O6    . G   A 1 9  ? -3.329  2.609   -5.579  1.00 23.50  ? 9   G   B O6    1 
ATOM   188 N N1    . G   A 1 9  ? -1.541  1.730   -4.497  1.00 25.75  ? 9   G   B N1    1 
ATOM   189 C C2    . G   A 1 9  ? -0.276  1.211   -4.462  1.00 26.97  ? 9   G   B C2    1 
ATOM   190 N N2    . G   A 1 9  ? 0.198   0.872   -3.255  1.00 26.85  ? 9   G   B N2    1 
ATOM   191 N N3    . G   A 1 9  ? 0.495   1.083   -5.533  1.00 28.02  ? 9   G   B N3    1 
ATOM   192 C C4    . G   A 1 9  ? -0.140  1.468   -6.658  1.00 31.59  ? 9   G   B C4    1 
ATOM   193 P P     . G   A 1 10 ? 4.015   -2.628  -8.802  1.00 62.16  ? 10  G   B P     1 
ATOM   194 O OP1   . G   A 1 10 ? 5.459   -2.526  -9.106  1.00 57.14  ? 10  G   B OP1   1 
ATOM   195 O OP2   . G   A 1 10 ? 3.049   -3.378  -9.645  1.00 50.64  ? 10  G   B OP2   1 
ATOM   196 O "O5'" . G   A 1 10 ? 3.818   -3.327  -7.386  1.00 55.15  ? 10  G   B "O5'" 1 
ATOM   197 C "C5'" . G   A 1 10 ? 4.519   -2.856  -6.229  1.00 53.44  ? 10  G   B "C5'" 1 
ATOM   198 C "C4'" . G   A 1 10 ? 3.732   -3.247  -5.006  1.00 53.18  ? 10  G   B "C4'" 1 
ATOM   199 O "O4'" . G   A 1 10 ? 2.562   -2.384  -4.916  1.00 51.89  ? 10  G   B "O4'" 1 
ATOM   200 C "C3'" . G   A 1 10 ? 3.201   -4.689  -4.999  1.00 49.36  ? 10  G   B "C3'" 1 
ATOM   201 O "O3'" . G   A 1 10 ? 3.198   -5.242  -3.698  1.00 58.82  ? 10  G   B "O3'" 1 
ATOM   202 C "C2'" . G   A 1 10 ? 1.725   -4.523  -5.318  1.00 51.72  ? 10  G   B "C2'" 1 
ATOM   203 O "O2'" . G   A 1 10 ? 0.859   -5.536  -4.819  1.00 47.09  ? 10  G   B "O2'" 1 
ATOM   204 C "C1'" . G   A 1 10 ? 1.442   -3.189  -4.631  1.00 47.29  ? 10  G   B "C1'" 1 
ATOM   205 N N9    . G   A 1 10 ? 0.234   -2.519  -5.088  1.00 43.04  ? 10  G   B N9    1 
ATOM   206 C C8    . G   A 1 10 ? -0.099  -2.129  -6.362  1.00 38.75  ? 10  G   B C8    1 
ATOM   207 N N7    . G   A 1 10 ? -1.291  -1.612  -6.441  1.00 37.31  ? 10  G   B N7    1 
ATOM   208 C C5    . G   A 1 10 ? -1.778  -1.676  -5.140  1.00 34.93  ? 10  G   B C5    1 
ATOM   209 C C6    . G   A 1 10 ? -3.018  -1.257  -4.602  1.00 33.99  ? 10  G   B C6    1 
ATOM   210 O O6    . G   A 1 10 ? -3.975  -0.741  -5.193  1.00 32.62  ? 10  G   B O6    1 
ATOM   211 N N1    . G   A 1 10 ? -3.097  -1.515  -3.231  1.00 31.16  ? 10  G   B N1    1 
ATOM   212 C C2    . G   A 1 10 ? -2.106  -2.113  -2.480  1.00 31.49  ? 10  G   B C2    1 
ATOM   213 N N2    . G   A 1 10 ? -2.353  -2.287  -1.166  1.00 32.86  ? 10  G   B N2    1 
ATOM   214 N N3    . G   A 1 10 ? -0.953  -2.508  -2.978  1.00 34.28  ? 10  G   B N3    1 
ATOM   215 C C4    . G   A 1 10 ? -0.865  -2.278  -4.307  1.00 34.91  ? 10  G   B C4    1 
ATOM   216 P P     . C   A 1 11 ? 4.512   -5.979  -3.092  1.00 63.68  ? 11  C   B P     1 
ATOM   217 O OP1   . C   A 1 11 ? 5.595   -4.963  -2.893  1.00 59.78  ? 11  C   B OP1   1 
ATOM   218 O OP2   . C   A 1 11 ? 4.740   -7.207  -3.882  1.00 60.81  ? 11  C   B OP2   1 
ATOM   219 O "O5'" . C   A 1 11 ? 4.028   -6.336  -1.616  1.00 59.86  ? 11  C   B "O5'" 1 
ATOM   220 C "C5'" . C   A 1 11 ? 3.873   -5.273  -0.665  1.00 56.56  ? 11  C   B "C5'" 1 
ATOM   221 C "C4'" . C   A 1 11 ? 2.942   -5.697  0.439   1.00 55.99  ? 11  C   B "C4'" 1 
ATOM   222 O "O4'" . C   A 1 11 ? 3.201   -7.089  0.762   1.00 56.53  ? 11  C   B "O4'" 1 
ATOM   223 C "C3'" . C   A 1 11 ? 3.108   -4.918  1.739   1.00 58.64  ? 11  C   B "C3'" 1 
ATOM   224 O "O3'" . C   A 1 11 ? 2.219   -3.803  1.771   1.00 48.68  ? 11  C   B "O3'" 1 
ATOM   225 C "C2'" . C   A 1 11 ? 2.801   -5.955  2.818   1.00 53.98  ? 11  C   B "C2'" 1 
ATOM   226 O "O2'" . C   A 1 11 ? 1.443   -6.064  3.202   1.00 53.83  ? 11  C   B "O2'" 1 
ATOM   227 C "C1'" . C   A 1 11 ? 3.308   -7.245  2.167   1.00 55.35  ? 11  C   B "C1'" 1 
ATOM   228 N N1    . C   A 1 11 ? 4.702   -7.646  2.515   1.00 46.51  ? 11  C   B N1    1 
ATOM   229 C C2    . C   A 1 11 ? 4.965   -8.014  3.836   1.00 47.37  ? 11  C   B C2    1 
ATOM   230 O O2    . C   A 1 11 ? 4.038   -7.982  4.661   1.00 43.95  ? 11  C   B O2    1 
ATOM   231 N N3    . C   A 1 11 ? 6.210   -8.429  4.175   1.00 46.32  ? 11  C   B N3    1 
ATOM   232 C C4    . C   A 1 11 ? 7.176   -8.461  3.253   1.00 47.40  ? 11  C   B C4    1 
ATOM   233 N N4    . C   A 1 11 ? 8.392   -8.867  3.633   1.00 47.53  ? 11  C   B N4    1 
ATOM   234 C C5    . C   A 1 11 ? 6.936   -8.082  1.897   1.00 46.45  ? 11  C   B C5    1 
ATOM   235 C C6    . C   A 1 11 ? 5.692   -7.704  1.571   1.00 46.02  ? 11  C   B C6    1 
ATOM   236 P P     . G   A 1 12 ? 2.707   -2.382  1.267   1.00 51.04  ? 12  G   B P     1 
ATOM   237 O OP1   . G   A 1 12 ? 2.341   -2.251  -0.184  1.00 55.13  ? 12  G   B OP1   1 
ATOM   238 O OP2   . G   A 1 12 ? 4.120   -2.174  1.702   1.00 48.07  ? 12  G   B OP2   1 
ATOM   239 O "O5'" . G   A 1 12 ? 1.716   -1.394  2.036   1.00 45.53  ? 12  G   B "O5'" 1 
ATOM   240 C "C5'" . G   A 1 12 ? 1.656   -1.325  3.469   1.00 44.69  ? 12  G   B "C5'" 1 
ATOM   241 C "C4'" . G   A 1 12 ? 0.315   -0.778  3.905   1.00 40.46  ? 12  G   B "C4'" 1 
ATOM   242 O "O4'" . G   A 1 12 ? 0.023   0.457   3.196   1.00 37.27  ? 12  G   B "O4'" 1 
ATOM   243 C "C3'" . G   A 1 12 ? -0.880  -1.672  3.605   1.00 40.94  ? 12  G   B "C3'" 1 
ATOM   244 O "O3'" . G   A 1 12 ? -1.202  -2.511  4.690   1.00 44.99  ? 12  G   B "O3'" 1 
ATOM   245 C "C2'" . G   A 1 12 ? -2.020  -0.678  3.595   1.00 38.19  ? 12  G   B "C2'" 1 
ATOM   246 O "O2'" . G   A 1 12 ? -2.260  -0.307  4.939   1.00 38.28  ? 12  G   B "O2'" 1 
ATOM   247 C "C1'" . G   A 1 12 ? -1.369  0.518   2.924   1.00 31.43  ? 12  G   B "C1'" 1 
ATOM   248 N N9    . G   A 1 12 ? -1.604  0.701   1.491   1.00 27.40  ? 12  G   B N9    1 
ATOM   249 C C8    . G   A 1 12 ? -0.723  0.570   0.444   1.00 28.81  ? 12  G   B C8    1 
ATOM   250 N N7    . G   A 1 12 ? -1.237  0.918   -0.703  1.00 23.11  ? 12  G   B N7    1 
ATOM   251 C C5    . G   A 1 12 ? -2.523  1.322   -0.390  1.00 24.37  ? 12  G   B C5    1 
ATOM   252 C C6    . G   A 1 12 ? -3.539  1.843   -1.213  1.00 22.12  ? 12  G   B C6    1 
ATOM   253 O O6    . G   A 1 12 ? -3.513  2.046   -2.423  1.00 21.04  ? 12  G   B O6    1 
ATOM   254 N N1    . G   A 1 12 ? -4.688  2.123   -0.492  1.00 21.68  ? 12  G   B N1    1 
ATOM   255 C C2    . G   A 1 12 ? -4.826  1.961   0.868   1.00 22.59  ? 12  G   B C2    1 
ATOM   256 N N2    . G   A 1 12 ? -6.020  2.290   1.384   1.00 24.23  ? 12  G   B N2    1 
ATOM   257 N N3    . G   A 1 12 ? -3.880  1.504   1.652   1.00 22.23  ? 12  G   B N3    1 
ATOM   258 C C4    . G   A 1 12 ? -2.762  1.195   0.960   1.00 24.51  ? 12  G   B C4    1 
ATOM   259 P P     . G   A 1 13 ? -1.925  -3.917  4.456   1.00 45.54  ? 13  G   B P     1 
ATOM   260 O OP1   . G   A 1 13 ? -1.552  -4.807  5.590   1.00 61.61  ? 13  G   B OP1   1 
ATOM   261 O OP2   . G   A 1 13 ? -1.682  -4.348  3.058   1.00 59.12  ? 13  G   B OP2   1 
ATOM   262 O "O5'" . G   A 1 13 ? -3.486  -3.621  4.528   1.00 50.03  ? 13  G   B "O5'" 1 
ATOM   263 C "C5'" . G   A 1 13 ? -4.162  -3.122  5.683   1.00 44.69  ? 13  G   B "C5'" 1 
ATOM   264 C "C4'" . G   A 1 13 ? -5.559  -2.718  5.274   1.00 42.42  ? 13  G   B "C4'" 1 
ATOM   265 O "O4'" . G   A 1 13 ? -5.497  -1.578  4.379   1.00 41.89  ? 13  G   B "O4'" 1 
ATOM   266 C "C3'" . G   A 1 13 ? -6.325  -3.743  4.466   1.00 44.64  ? 13  G   B "C3'" 1 
ATOM   267 O "O3'" . G   A 1 13 ? -6.918  -4.713  5.308   1.00 51.35  ? 13  G   B "O3'" 1 
ATOM   268 C "C2'" . G   A 1 13 ? -7.389  -2.881  3.796   1.00 41.58  ? 13  G   B "C2'" 1 
ATOM   269 O "O2'" . G   A 1 13 ? -8.471  -2.521  4.623   1.00 46.94  ? 13  G   B "O2'" 1 
ATOM   270 C "C1'" . G   A 1 13 ? -6.598  -1.616  3.475   1.00 37.11  ? 13  G   B "C1'" 1 
ATOM   271 N N9    . G   A 1 13 ? -6.076  -1.560  2.105   1.00 32.05  ? 13  G   B N9    1 
ATOM   272 C C8    . G   A 1 13 ? -4.834  -1.950  1.670   1.00 33.13  ? 13  G   B C8    1 
ATOM   273 N N7    . G   A 1 13 ? -4.648  -1.735  0.397   1.00 29.49  ? 13  G   B N7    1 
ATOM   274 C C5    . G   A 1 13 ? -5.838  -1.156  -0.032  1.00 28.00  ? 13  G   B C5    1 
ATOM   275 C C6    . G   A 1 13 ? -6.239  -0.732  -1.321  1.00 28.13  ? 13  G   B C6    1 
ATOM   276 O O6    . G   A 1 13 ? -5.582  -0.749  -2.381  1.00 28.08  ? 13  G   B O6    1 
ATOM   277 N N1    . G   A 1 13 ? -7.527  -0.206  -1.309  1.00 31.14  ? 13  G   B N1    1 
ATOM   278 C C2    . G   A 1 13 ? -8.342  -0.142  -0.201  1.00 29.56  ? 13  G   B C2    1 
ATOM   279 N N2    . G   A 1 13 ? -9.562  0.377   -0.378  1.00 32.44  ? 13  G   B N2    1 
ATOM   280 N N3    . G   A 1 13 ? -7.977  -0.533  1.000   1.00 30.77  ? 13  G   B N3    1 
ATOM   281 C C4    . G   A 1 13 ? -6.733  -1.059  1.007   1.00 27.35  ? 13  G   B C4    1 
ATOM   282 P P     . A   A 1 14 ? -6.863  -6.267  4.931   1.00 56.96  ? 14  A   B P     1 
ATOM   283 O OP1   . A   A 1 14 ? -7.575  -6.999  6.018   1.00 67.96  ? 14  A   B OP1   1 
ATOM   284 O OP2   . A   A 1 14 ? -5.456  -6.619  4.616   1.00 48.18  ? 14  A   B OP2   1 
ATOM   285 O "O5'" . A   A 1 14 ? -7.836  -6.395  3.679   1.00 52.53  ? 14  A   B "O5'" 1 
ATOM   286 C "C5'" . A   A 1 14 ? -9.262  -6.339  3.854   1.00 52.72  ? 14  A   B "C5'" 1 
ATOM   287 C "C4'" . A   A 1 14 ? -9.957  -7.124  2.758   1.00 58.94  ? 14  A   B "C4'" 1 
ATOM   288 O "O4'" . A   A 1 14 ? -9.342  -6.823  1.483   1.00 58.39  ? 14  A   B "O4'" 1 
ATOM   289 C "C3'" . A   A 1 14 ? -9.939  -8.660  2.864   1.00 58.33  ? 14  A   B "C3'" 1 
ATOM   290 O "O3'" . A   A 1 14 ? -11.256 -9.188  2.912   1.00 64.39  ? 14  A   B "O3'" 1 
ATOM   291 C "C2'" . A   A 1 14 ? -9.270  -9.121  1.566   1.00 57.87  ? 14  A   B "C2'" 1 
ATOM   292 O "O2'" . A   A 1 14 ? -9.786  -10.291 0.956   1.00 64.41  ? 14  A   B "O2'" 1 
ATOM   293 C "C1'" . A   A 1 14 ? -9.530  -7.928  0.647   1.00 52.94  ? 14  A   B "C1'" 1 
ATOM   294 N N9    . A   A 1 14 ? -8.639  -7.828  -0.508  1.00 42.51  ? 14  A   B N9    1 
ATOM   295 C C8    . A   A 1 14 ? -7.338  -8.251  -0.617  1.00 40.64  ? 14  A   B C8    1 
ATOM   296 N N7    . A   A 1 14 ? -6.823  -8.071  -1.807  1.00 40.19  ? 14  A   B N7    1 
ATOM   297 C C5    . A   A 1 14 ? -7.868  -7.531  -2.544  1.00 37.16  ? 14  A   B C5    1 
ATOM   298 C C6    . A   A 1 14 ? -7.966  -7.117  -3.879  1.00 35.17  ? 14  A   B C6    1 
ATOM   299 N N6    . A   A 1 14 ? -6.965  -7.201  -4.753  1.00 42.88  ? 14  A   B N6    1 
ATOM   300 N N1    . A   A 1 14 ? -9.143  -6.592  -4.290  1.00 35.87  ? 14  A   B N1    1 
ATOM   301 C C2    . A   A 1 14 ? -10.157 -6.538  -3.422  1.00 33.39  ? 14  A   B C2    1 
ATOM   302 N N3    . A   A 1 14 ? -10.184 -6.885  -2.138  1.00 42.01  ? 14  A   B N3    1 
ATOM   303 C C4    . A   A 1 14 ? -8.992  -7.376  -1.757  1.00 38.06  ? 14  A   B C4    1 
HETATM 304 C CX3   . POH B 2 .  ? -2.528  -3.951  -8.830  0.50 41.56  ? 101 POH B CX3   1 
HETATM 305 C C2A   . POH B 2 .  ? -3.354  -5.487  -2.694  0.50 35.79  ? 101 POH B C2A   1 
HETATM 306 C C71   . POH B 2 .  ? -3.792  -4.598  -6.876  0.50 41.61  ? 101 POH B C71   1 
HETATM 307 C C81   . POH B 2 .  ? -3.073  -5.825  -6.877  0.50 42.24  ? 101 POH B C81   1 
HETATM 308 C C91   . POH B 2 .  ? -2.084  -6.017  -7.815  0.50 44.59  ? 101 POH B C91   1 
HETATM 309 C CXN   . POH B 2 .  ? -0.378  -5.013  -9.286  0.50 47.65  ? 101 POH B CXN   1 
HETATM 310 C C3A   . POH B 2 .  ? -3.229  -5.239  -4.027  0.50 36.68  ? 101 POH B C3A   1 
HETATM 311 C C4A   . POH B 2 .  ? -4.469  -4.667  -4.506  0.50 35.83  ? 101 POH B C4A   1 
HETATM 312 C C1A   . POH B 2 .  ? -4.684  -5.090  -2.282  0.50 35.59  ? 101 POH B C1A   1 
HETATM 313 C CXD   . POH B 2 .  ? -3.536  -3.682  -7.929  0.50 40.63  ? 101 POH B CXD   1 
HETATM 314 N NXT   . POH B 2 .  ? -1.700  -4.990  -8.627  0.50 45.39  ? 101 POH B NXT   1 
HETATM 315 N NA    . POH B 2 .  ? -5.316  -4.591  -3.406  0.50 33.10  ? 101 POH B NA    1 
HETATM 316 N NB    . POH B 2 .  ? -7.003  -3.171  -5.477  0.50 32.30  ? 101 POH B NB    1 
HETATM 317 N NC    . POH B 2 .  ? -9.257  -3.008  -3.508  0.50 31.89  ? 101 POH B NC    1 
HETATM 318 N ND    . POH B 2 .  ? -7.401  -3.969  -1.414  0.50 26.68  ? 101 POH B ND    1 
HETATM 319 C CHB   . POH B 2 .  ? -4.778  -4.276  -5.845  0.50 34.45  ? 101 POH B CHB   1 
HETATM 320 C C1B   . POH B 2 .  ? -5.971  -3.633  -6.287  0.50 31.38  ? 101 POH B C1B   1 
HETATM 321 C CX4   . POH B 2 .  ? -10.747 -1.145  -9.217  0.50 43.81  ? 101 POH B CX4   1 
HETATM 322 C C2B   . POH B 2 .  ? -6.307  -3.382  -7.727  0.50 28.84  ? 101 POH B C2B   1 
HETATM 323 C C72   . POH B 2 .  ? -10.271 -2.036  -7.013  0.50 38.78  ? 101 POH B C72   1 
HETATM 324 C C82   . POH B 2 .  ? -11.667 -2.173  -6.841  0.50 43.56  ? 101 POH B C82   1 
HETATM 325 C C92   . POH B 2 .  ? -12.507 -1.953  -7.915  0.50 44.11  ? 101 POH B C92   1 
HETATM 326 C CXO   . POH B 2 .  ? -13.058 -0.574  -9.857  0.50 43.96  ? 101 POH B CXO   1 
HETATM 327 C C3B   . POH B 2 .  ? -7.591  -2.970  -7.759  0.50 28.94  ? 101 POH B C3B   1 
HETATM 328 C C4B   . POH B 2 .  ? -8.033  -2.827  -6.338  0.50 29.39  ? 101 POH B C4B   1 
HETATM 329 C CXE   . POH B 2 .  ? -9.819  -1.514  -8.245  0.50 43.35  ? 101 POH B CXE   1 
HETATM 330 N NXU   . POH B 2 .  ? -12.079 -1.250  -8.977  0.50 44.30  ? 101 POH B NXU   1 
HETATM 331 C CHC   . POH B 2 .  ? -9.342  -2.436  -5.953  0.50 35.11  ? 101 POH B CHC   1 
HETATM 332 C C1C   . POH B 2 .  ? -9.863  -2.454  -4.630  0.50 33.57  ? 101 POH B C1C   1 
HETATM 333 C CX5   . POH B 2 .  ? -11.866 -2.038  1.776   0.50 47.79  ? 101 POH B CX5   1 
HETATM 334 C C2C   . POH B 2 .  ? -11.124 -1.906  -4.181  0.50 37.95  ? 101 POH B C2C   1 
HETATM 335 C C73   . POH B 2 .  ? -10.839 -3.190  -0.076  0.50 40.33  ? 101 POH B C73   1 
HETATM 336 C C83   . POH B 2 .  ? -11.991 -4.020  -0.127  0.50 44.91  ? 101 POH B C83   1 
HETATM 337 C C93   . POH B 2 .  ? -12.902 -3.961  0.907   0.50 48.41  ? 101 POH B C93   1 
HETATM 338 C CXP   . POH B 2 .  ? -14.133 -2.599  2.543   0.50 48.52  ? 101 POH B CXP   1 
HETATM 339 C C3C   . POH B 2 .  ? -11.245 -2.132  -2.843  0.50 35.93  ? 101 POH B C3C   1 
HETATM 340 C C4C   . POH B 2 .  ? -10.075 -2.856  -2.397  0.50 33.41  ? 101 POH B C4C   1 
HETATM 341 C CXF   . POH B 2 .  ? -10.744 -2.294  1.011   0.50 42.73  ? 101 POH B CXF   1 
HETATM 342 N NXV   . POH B 2 .  ? -12.936 -2.877  1.728   0.50 49.96  ? 101 POH B NXV   1 
HETATM 343 C CHD   . POH B 2 .  ? -9.776  -3.285  -1.080  0.50 33.38  ? 101 POH B CHD   1 
HETATM 344 C C1D   . POH B 2 .  ? -8.525  -3.767  -0.642  0.50 27.99  ? 101 POH B C1D   1 
HETATM 345 C CX6   . POH B 2 .  ? -3.725  -6.338  2.206   0.50 47.88  ? 101 POH B CX6   1 
HETATM 346 C C2D   . POH B 2 .  ? -8.250  -4.149  0.744   0.50 26.88  ? 101 POH B C2D   1 
HETATM 347 C C74   . POH B 2 .  ? -4.558  -5.999  -0.015  0.50 43.70  ? 101 POH B C74   1 
HETATM 348 C C84   . POH B 2 .  ? -3.990  -7.241  -0.385  0.50 45.12  ? 101 POH B C84   1 
HETATM 349 C C94   . POH B 2 .  ? -3.279  -7.953  0.551   0.50 51.45  ? 101 POH B C94   1 
HETATM 350 C CXQ   . POH B 2 .  ? -2.048  -8.066  2.681   0.50 50.81  ? 101 POH B CXQ   1 
HETATM 351 C C3D   . POH B 2 .  ? -7.098  -4.844  0.741   0.50 25.70  ? 101 POH B C3D   1 
HETATM 352 C C4D   . POH B 2 .  ? -6.520  -4.680  -0.600  0.50 28.95  ? 101 POH B C4D   1 
HETATM 353 C CXG   . POH B 2 .  ? -4.467  -5.593  1.328   0.50 44.13  ? 101 POH B CXG   1 
HETATM 354 C CHA   . POH B 2 .  ? -5.263  -5.195  -0.982  0.50 33.93  ? 101 POH B CHA   1 
HETATM 355 N NXW   . POH B 2 .  ? -3.044  -7.431  1.788   0.50 50.64  ? 101 POH B NXW   1 
HETATM 356 C CX3   . POH C 2 .  ? -0.374  -7.934  6.658   0.50 57.66  ? 102 POH B CX3   1 
HETATM 357 C C2A   . POH C 2 .  ? 1.909   -10.512 2.261   0.50 45.71  ? 102 POH B C2A   1 
HETATM 358 C C71   . POH C 2 .  ? 0.772   -10.023 6.364   0.50 55.74  ? 102 POH B C71   1 
HETATM 359 C C81   . POH C 2 .  ? -0.061  -10.577 7.370   0.50 56.55  ? 102 POH B C81   1 
HETATM 360 C C91   . POH C 2 .  ? -0.896  -9.738  8.074   0.50 54.83  ? 102 POH B C91   1 
HETATM 361 C CXN   . POH C 2 .  ? -1.443  -7.448  8.809   0.50 58.60  ? 102 POH B CXN   1 
HETATM 362 C C3A   . POH C 2 .  ? 1.269   -10.384 3.456   0.50 45.45  ? 102 POH B C3A   1 
HETATM 363 C C4A   . POH C 2 .  ? 2.209   -10.697 4.506   0.50 48.99  ? 102 POH B C4A   1 
HETATM 364 C C1A   . POH C 2 .  ? 3.282   -10.906 2.516   0.50 45.98  ? 102 POH B C1A   1 
HETATM 365 C CXD   . POH C 2 .  ? 0.396   -8.758  5.863   0.50 59.89  ? 102 POH B CXD   1 
HETATM 366 N NXT   . POH C 2 .  ? -0.889  -8.397  7.822   0.50 56.48  ? 102 POH B NXT   1 
HETATM 367 N NA    . POH C 2 .  ? 3.412   -11.010 3.888   0.50 46.21  ? 102 POH B NA    1 
HETATM 368 N NB    . POH C 2 .  ? 3.998   -12.033 6.615   0.50 55.34  ? 102 POH B NB    1 
HETATM 369 N NC    . POH C 2 .  ? 6.842   -12.663 5.898   0.50 46.58  ? 102 POH B NC    1 
HETATM 370 N ND    . POH C 2 .  ? 6.115   -12.003 3.104   0.50 47.56  ? 102 POH B ND    1 
HETATM 371 C CHB   . POH C 2 .  ? 1.979   -10.700 5.900   0.50 53.10  ? 102 POH B CHB   1 
HETATM 372 C C1B   . POH C 2 .  ? 2.829   -11.316 6.878   0.50 52.42  ? 102 POH B C1B   1 
HETATM 373 C CX4   . POH C 2 .  ? 7.044   -13.703 11.522  0.50 59.12  ? 102 POH B CX4   1 
HETATM 374 C C2B   . POH C 2 .  ? 2.583   -11.273 8.346   0.50 53.61  ? 102 POH B C2B   1 
HETATM 375 C C72   . POH C 2 .  ? 5.953   -13.701 9.392   0.50 55.38  ? 102 POH B C72   1 
HETATM 376 C C82   . POH C 2 .  ? 5.553   -15.035 9.642   0.50 59.63  ? 102 POH B C82   1 
HETATM 377 C C92   . POH C 2 .  ? 6.004   -15.666 10.777  0.50 59.52  ? 102 POH B C92   1 
HETATM 378 C CXO   . POH C 2 .  ? 6.709   -15.524 13.127  0.50 63.36  ? 102 POH B CXO   1 
HETATM 379 C C3B   . POH C 2 .  ? 3.544   -12.015 8.931   0.50 51.23  ? 102 POH B C3B   1 
HETATM 380 C C4B   . POH C 2 .  ? 4.504   -12.406 7.857   0.50 52.21  ? 102 POH B C4B   1 
HETATM 381 C CXE   . POH C 2 .  ? 6.578   -13.004 10.441  0.50 58.38  ? 102 POH B CXE   1 
HETATM 382 N NXU   . POH C 2 .  ? 6.587   -14.950 11.771  0.50 62.60  ? 102 POH B NXU   1 
HETATM 383 C CHC   . POH C 2 .  ? 5.748   -13.078 8.094   0.50 51.02  ? 102 POH B CHC   1 
HETATM 384 C C1C   . POH C 2 .  ? 6.814   -13.198 7.171   0.50 48.96  ? 102 POH B C1C   1 
HETATM 385 C CX5   . POH C 2 .  ? 12.103  -12.130 4.185   0.50 48.41  ? 102 POH B CX5   1 
HETATM 386 C C2C   . POH C 2 .  ? 8.069   -13.902 7.351   0.50 47.00  ? 102 POH B C2C   1 
HETATM 387 C C73   . POH C 2 .  ? 9.826   -12.701 3.651   0.50 47.21  ? 102 POH B C73   1 
HETATM 388 C C83   . POH C 2 .  ? 10.327  -13.707 2.782   0.50 48.22  ? 102 POH B C83   1 
HETATM 389 C C93   . POH C 2 .  ? 11.690  -13.907 2.717   0.50 46.65  ? 102 POH B C93   1 
HETATM 390 C CXP   . POH C 2 .  ? 13.858  -13.825 3.903   0.50 46.02  ? 102 POH B CXP   1 
HETATM 391 C C3C   . POH C 2 .  ? 8.802   -13.771 6.212   0.50 45.26  ? 102 POH B C3C   1 
HETATM 392 C C4C   . POH C 2 .  ? 8.039   -12.983 5.275   0.50 47.28  ? 102 POH B C4C   1 
HETATM 393 C CXF   . POH C 2 .  ? 10.763  -11.811 4.225   0.50 50.11  ? 102 POH B CXF   1 
HETATM 394 N NXV   . POH C 2 .  ? 12.515  -13.277 3.597   0.50 46.70  ? 102 POH B NXV   1 
HETATM 395 C CHD   . POH C 2 .  ? 8.406   -12.605 3.970   0.50 46.97  ? 102 POH B CHD   1 
HETATM 396 C C1D   . POH C 2 .  ? 7.497   -12.175 2.950   0.50 45.00  ? 102 POH B C1D   1 
HETATM 397 C CX6   . POH C 2 .  ? 4.337   -10.022 -2.001  0.50 45.14  ? 102 POH B CX6   1 
HETATM 398 C C2D   . POH C 2 .  ? 7.893   -11.843 1.556   0.50 45.68  ? 102 POH B C2D   1 
HETATM 399 C C74   . POH C 2 .  ? 3.948   -10.980 0.168   0.50 44.71  ? 102 POH B C74   1 
HETATM 400 C C84   . POH C 2 .  ? 2.838   -11.634 -0.403  0.50 49.03  ? 102 POH B C84   1 
HETATM 401 C C94   . POH C 2 .  ? 2.757   -11.729 -1.767  0.50 47.14  ? 102 POH B C94   1 
HETATM 402 C CXQ   . POH C 2 .  ? 3.120   -10.766 -3.996  0.50 48.00  ? 102 POH B CXQ   1 
HETATM 403 C C3D   . POH C 2 .  ? 6.760   -11.595 0.870   0.50 43.20  ? 102 POH B C3D   1 
HETATM 404 C C4D   . POH C 2 .  ? 5.648   -11.564 1.868   0.50 43.92  ? 102 POH B C4D   1 
HETATM 405 C CXG   . POH C 2 .  ? 4.719   -10.171 -0.686  0.50 45.60  ? 102 POH B CXG   1 
HETATM 406 C CHA   . POH C 2 .  ? 4.305   -11.156 1.568   0.50 44.39  ? 102 POH B CHA   1 
HETATM 407 N NXW   . POH C 2 .  ? 3.416   -10.842 -2.547  0.50 47.40  ? 102 POH B NXW   1 
HETATM 408 K K     . K   D 3 .  ? -5.277  1.075   -4.154  0.50 23.74  ? 103 K   B K     1 
HETATM 409 K K     . K   E 3 .  ? -4.258  4.440   -3.765  0.50 25.09  ? 104 K   B K     1 
HETATM 410 K K     . K   F 3 .  ? -3.017  7.694   -3.151  0.50 24.57  ? 105 K   B K     1 
HETATM 411 O O     . HOH G 4 .  ? 2.573   6.614   4.431   1.00 33.37  ? 201 HOH B O     1 
HETATM 412 O O     . HOH G 4 .  ? -1.967  11.367  12.675  0.50 51.06  ? 202 HOH B O     1 
HETATM 413 O O     . HOH G 4 .  ? -7.492  4.323   3.837   1.00 35.36  ? 203 HOH B O     1 
HETATM 414 O O     . HOH G 4 .  ? 2.044   5.074   -9.603  1.00 41.75  ? 204 HOH B O     1 
HETATM 415 O O     . HOH G 4 .  ? 5.591   7.687   -5.002  1.00 36.58  ? 205 HOH B O     1 
HETATM 416 O O     . HOH G 4 .  ? 3.194   0.387   -5.207  1.00 44.05  ? 206 HOH B O     1 
HETATM 417 O O     . HOH G 4 .  ? 2.019   2.927   2.311   1.00 37.99  ? 207 HOH B O     1 
HETATM 418 O O     . HOH G 4 .  ? -4.764  1.412   4.450   1.00 32.33  ? 208 HOH B O     1 
HETATM 419 O O     . HOH G 4 .  ? -11.943 -9.893  -1.059  1.00 40.22  ? 209 HOH B O     1 
HETATM 420 O O     . HOH G 4 .  ? 7.827   8.948   3.376   1.00 46.23  ? 210 HOH B O     1 
HETATM 421 O O     . HOH G 4 .  ? 8.278   12.172  3.942   1.00 59.26  ? 211 HOH B O     1 
# 
